data_1AW6
#
_entry.id   1AW6
#
_cell.length_a   1.000
_cell.length_b   1.000
_cell.length_c   1.000
_cell.angle_alpha   90.00
_cell.angle_beta   90.00
_cell.angle_gamma   90.00
#
_symmetry.space_group_name_H-M   'P 1'
#
loop_
_entity.id
_entity.type
_entity.pdbx_description
1 polymer 'GAL4 (CD)'
2 non-polymer 'CADMIUM ION'
#
_entity_poly.entity_id   1
_entity_poly.type   'polypeptide(L)'
_entity_poly.pdbx_seq_one_letter_code
;MKLLSSIEQACDICRLKKLKCSKEKPKCAKCLKNNWECRYSPK
;
_entity_poly.pdbx_strand_id   A
#
# COMPACT_ATOMS: atom_id res chain seq x y z
N MET A 1 -21.10 -14.26 -7.79
CA MET A 1 -20.94 -13.06 -6.98
C MET A 1 -20.05 -13.33 -5.78
N LYS A 2 -18.76 -13.43 -6.02
CA LYS A 2 -17.81 -13.81 -4.98
C LYS A 2 -16.40 -13.41 -5.35
N LEU A 3 -15.82 -12.54 -4.54
CA LEU A 3 -14.41 -12.18 -4.67
C LEU A 3 -14.18 -11.29 -5.87
N LEU A 4 -13.34 -10.29 -5.69
CA LEU A 4 -12.98 -9.37 -6.78
C LEU A 4 -11.55 -8.91 -6.64
N SER A 5 -11.20 -8.46 -5.44
CA SER A 5 -9.88 -7.91 -5.18
C SER A 5 -8.91 -8.99 -4.74
N SER A 6 -7.68 -8.60 -4.49
CA SER A 6 -6.64 -9.53 -4.03
C SER A 6 -6.97 -10.03 -2.63
N ILE A 7 -5.96 -10.47 -1.90
CA ILE A 7 -6.16 -10.83 -0.48
C ILE A 7 -4.91 -10.57 0.32
N GLU A 8 -4.08 -9.65 -0.15
CA GLU A 8 -2.93 -9.17 0.62
C GLU A 8 -2.69 -7.70 0.34
N GLN A 9 -3.36 -6.87 1.13
CA GLN A 9 -3.41 -5.44 0.87
C GLN A 9 -2.11 -4.75 1.23
N ALA A 10 -1.55 -4.04 0.27
CA ALA A 10 -0.30 -3.29 0.49
C ALA A 10 0.14 -2.63 -0.79
N CYS A 11 0.33 -1.34 -0.87
CA CYS A 11 0.52 -0.64 -2.13
C CYS A 11 1.87 -0.90 -2.74
N ASP A 12 2.05 -0.48 -3.99
CA ASP A 12 3.30 -0.68 -4.70
C ASP A 12 4.44 -0.04 -3.96
N ILE A 13 4.21 1.17 -3.45
CA ILE A 13 5.25 1.98 -2.83
C ILE A 13 5.81 1.36 -1.57
N CYS A 14 4.99 0.59 -0.89
CA CYS A 14 5.40 -0.09 0.33
C CYS A 14 6.24 -1.32 -0.01
N ARG A 15 5.90 -1.94 -1.12
CA ARG A 15 6.74 -3.00 -1.68
C ARG A 15 8.19 -2.58 -1.75
N LEU A 16 8.45 -1.57 -2.56
CA LEU A 16 9.80 -1.16 -2.95
C LEU A 16 10.56 -0.62 -1.76
N LYS A 17 9.93 0.32 -1.08
CA LYS A 17 10.58 1.06 0.00
C LYS A 17 10.70 0.23 1.26
N LYS A 18 9.92 -0.83 1.33
CA LYS A 18 9.79 -1.60 2.57
C LYS A 18 9.27 -0.70 3.68
N LEU A 19 8.00 -0.38 3.57
CA LEU A 19 7.31 0.55 4.47
C LEU A 19 6.06 -0.11 5.02
N LYS A 20 5.59 0.36 6.16
CA LYS A 20 4.32 -0.06 6.73
C LYS A 20 3.17 0.61 6.02
N CYS A 21 2.05 -0.08 5.90
CA CYS A 21 0.93 0.41 5.09
C CYS A 21 -0.38 0.34 5.84
N SER A 22 -0.64 1.31 6.69
CA SER A 22 -1.95 1.49 7.31
C SER A 22 -3.10 1.25 6.36
N LYS A 23 -2.91 1.46 5.07
CA LYS A 23 -3.86 1.09 4.02
C LYS A 23 -4.93 2.13 3.78
N GLU A 24 -4.81 3.31 4.37
CA GLU A 24 -5.65 4.44 4.00
C GLU A 24 -5.71 4.57 2.49
N LYS A 25 -6.81 5.14 2.02
CA LYS A 25 -7.17 5.12 0.60
C LYS A 25 -7.60 6.48 0.10
N PRO A 26 -7.31 6.75 -1.16
CA PRO A 26 -6.53 5.87 -2.12
C PRO A 26 -5.07 5.66 -1.79
N LYS A 27 -4.35 6.71 -1.43
CA LYS A 27 -2.94 6.63 -1.06
C LYS A 27 -2.80 6.61 0.44
N CYS A 28 -1.92 5.75 0.95
CA CYS A 28 -1.62 5.74 2.38
C CYS A 28 -1.15 7.10 2.83
N ALA A 29 -0.73 7.17 4.08
CA ALA A 29 -0.05 8.34 4.62
C ALA A 29 1.26 8.56 3.90
N LYS A 30 1.95 7.46 3.63
CA LYS A 30 3.19 7.43 2.87
C LYS A 30 3.17 8.24 1.60
N CYS A 31 2.44 7.76 0.61
CA CYS A 31 2.46 8.34 -0.73
C CYS A 31 2.00 9.78 -0.68
N LEU A 32 1.00 10.05 0.12
CA LEU A 32 0.47 11.41 0.24
C LEU A 32 1.58 12.36 0.68
N LYS A 33 2.43 11.85 1.56
CA LYS A 33 3.47 12.67 2.17
C LYS A 33 4.56 13.03 1.18
N ASN A 34 4.78 12.14 0.23
CA ASN A 34 5.85 12.28 -0.74
C ASN A 34 5.33 12.51 -2.14
N ASN A 35 4.04 12.67 -2.30
CA ASN A 35 3.44 12.72 -3.63
C ASN A 35 3.88 11.54 -4.47
N TRP A 36 3.21 10.42 -4.27
CA TRP A 36 3.56 9.15 -4.93
C TRP A 36 2.34 8.57 -5.59
N GLU A 37 2.54 7.49 -6.35
CA GLU A 37 1.45 6.87 -7.10
C GLU A 37 1.04 5.57 -6.43
N CYS A 38 0.52 5.68 -5.22
CA CYS A 38 -0.02 4.55 -4.49
C CYS A 38 -0.90 3.68 -5.36
N ARG A 39 -0.33 2.61 -5.87
CA ARG A 39 -1.07 1.58 -6.60
C ARG A 39 -0.99 0.22 -5.93
N TYR A 40 -1.98 -0.09 -5.11
CA TYR A 40 -2.11 -1.44 -4.56
C TYR A 40 -3.15 -2.21 -5.35
N SER A 41 -2.94 -2.29 -6.65
CA SER A 41 -3.72 -3.14 -7.54
C SER A 41 -2.91 -3.50 -8.77
N PRO A 42 -2.08 -4.51 -8.65
CA PRO A 42 -1.11 -5.03 -9.70
C PRO A 42 -1.65 -5.10 -11.12
N LYS A 43 -2.39 -6.15 -11.42
CA LYS A 43 -2.83 -6.41 -12.79
C LYS A 43 -4.09 -7.24 -12.81
N MET A 1 7.18 -12.12 -1.69
CA MET A 1 7.63 -12.71 -0.43
C MET A 1 7.05 -14.10 -0.24
N LYS A 2 7.62 -14.85 0.67
CA LYS A 2 7.15 -16.19 1.02
C LYS A 2 5.65 -16.27 1.07
N LEU A 3 5.06 -15.90 2.20
CA LEU A 3 3.61 -15.86 2.36
C LEU A 3 3.21 -15.06 3.59
N LEU A 4 1.93 -14.96 3.83
CA LEU A 4 1.29 -14.16 4.89
C LEU A 4 0.45 -13.04 4.30
N SER A 5 -0.04 -13.22 3.10
CA SER A 5 -0.81 -12.17 2.42
C SER A 5 -2.00 -12.76 1.69
N SER A 6 -1.76 -13.77 0.88
CA SER A 6 -2.83 -14.46 0.16
C SER A 6 -3.69 -13.49 -0.62
N ILE A 7 -3.05 -12.46 -1.14
CA ILE A 7 -3.73 -11.33 -1.78
C ILE A 7 -2.77 -10.16 -1.89
N GLU A 8 -2.71 -9.46 -3.00
CA GLU A 8 -1.67 -8.46 -3.22
C GLU A 8 -2.14 -7.06 -2.90
N GLN A 9 -2.63 -6.90 -1.67
CA GLN A 9 -2.89 -5.57 -1.12
C GLN A 9 -1.62 -4.98 -0.55
N ALA A 10 -1.77 -3.82 0.08
CA ALA A 10 -0.58 -3.02 0.43
C ALA A 10 0.00 -2.47 -0.86
N CYS A 11 0.24 -1.20 -0.99
CA CYS A 11 0.53 -0.58 -2.27
C CYS A 11 1.89 -0.93 -2.83
N ASP A 12 2.16 -0.48 -4.04
CA ASP A 12 3.46 -0.66 -4.67
C ASP A 12 4.55 -0.01 -3.83
N ILE A 13 4.35 1.22 -3.44
CA ILE A 13 5.37 2.02 -2.77
C ILE A 13 5.92 1.37 -1.52
N CYS A 14 5.09 0.60 -0.85
CA CYS A 14 5.49 -0.08 0.39
C CYS A 14 6.34 -1.29 0.05
N ARG A 15 6.05 -1.89 -1.11
CA ARG A 15 6.92 -2.92 -1.66
C ARG A 15 8.35 -2.47 -1.74
N LEU A 16 8.60 -1.44 -2.52
CA LEU A 16 9.94 -1.00 -2.90
C LEU A 16 10.71 -0.53 -1.69
N LYS A 17 10.09 0.38 -0.95
CA LYS A 17 10.75 1.00 0.20
C LYS A 17 10.82 0.07 1.38
N LYS A 18 9.96 -0.94 1.37
CA LYS A 18 9.75 -1.79 2.54
C LYS A 18 9.38 -0.92 3.73
N LEU A 19 8.14 -0.47 3.69
CA LEU A 19 7.53 0.38 4.71
C LEU A 19 6.31 -0.32 5.30
N LYS A 20 5.69 0.33 6.27
CA LYS A 20 4.41 -0.10 6.80
C LYS A 20 3.27 0.52 6.02
N CYS A 21 2.14 -0.16 5.96
CA CYS A 21 1.00 0.29 5.16
C CYS A 21 -0.29 0.28 5.93
N SER A 22 -0.50 1.28 6.77
CA SER A 22 -1.79 1.51 7.42
C SER A 22 -2.97 1.26 6.49
N LYS A 23 -2.80 1.46 5.20
CA LYS A 23 -3.76 1.05 4.18
C LYS A 23 -4.83 2.08 3.89
N GLU A 24 -4.74 3.27 4.45
CA GLU A 24 -5.61 4.38 4.08
C GLU A 24 -5.74 4.48 2.56
N LYS A 25 -6.80 5.14 2.13
CA LYS A 25 -7.21 5.13 0.73
C LYS A 25 -7.64 6.50 0.25
N PRO A 26 -7.36 6.79 -1.00
CA PRO A 26 -6.59 5.92 -2.00
C PRO A 26 -5.13 5.69 -1.69
N LYS A 27 -4.40 6.73 -1.34
CA LYS A 27 -2.98 6.64 -1.01
C LYS A 27 -2.81 6.54 0.49
N CYS A 28 -1.93 5.68 0.97
CA CYS A 28 -1.60 5.66 2.38
C CYS A 28 -1.12 7.01 2.84
N ALA A 29 -0.63 7.07 4.07
CA ALA A 29 0.04 8.25 4.60
C ALA A 29 1.31 8.53 3.83
N LYS A 30 2.02 7.46 3.49
CA LYS A 30 3.20 7.50 2.63
C LYS A 30 3.04 8.32 1.37
N CYS A 31 2.28 7.79 0.43
CA CYS A 31 2.22 8.31 -0.94
C CYS A 31 1.48 9.61 -1.05
N LEU A 32 0.76 10.01 -0.01
CA LEU A 32 0.22 11.37 0.10
C LEU A 32 1.33 12.33 0.49
N LYS A 33 2.12 11.90 1.45
CA LYS A 33 3.11 12.79 2.07
C LYS A 33 4.23 13.13 1.11
N ASN A 34 4.47 12.24 0.17
CA ASN A 34 5.62 12.31 -0.72
C ASN A 34 5.24 12.53 -2.16
N ASN A 35 3.97 12.56 -2.48
CA ASN A 35 3.56 12.67 -3.90
C ASN A 35 4.12 11.49 -4.68
N TRP A 36 3.83 10.30 -4.14
CA TRP A 36 4.07 9.03 -4.82
C TRP A 36 2.80 8.51 -5.44
N GLU A 37 2.92 7.44 -6.20
CA GLU A 37 1.80 6.92 -6.98
C GLU A 37 1.30 5.62 -6.38
N CYS A 38 0.66 5.73 -5.23
CA CYS A 38 0.06 4.60 -4.54
C CYS A 38 -0.72 3.72 -5.49
N ARG A 39 -0.16 2.56 -5.79
CA ARG A 39 -0.85 1.51 -6.52
C ARG A 39 -1.43 0.50 -5.54
N TYR A 40 -2.55 -0.10 -5.87
CA TYR A 40 -3.30 -0.97 -4.95
C TYR A 40 -3.88 -2.16 -5.69
N SER A 41 -3.31 -3.34 -5.50
CA SER A 41 -3.92 -4.57 -6.00
C SER A 41 -4.08 -4.54 -7.51
N PRO A 42 -4.71 -5.57 -8.04
CA PRO A 42 -5.04 -5.76 -9.53
C PRO A 42 -5.93 -4.68 -10.11
N LYS A 43 -7.23 -4.81 -9.92
CA LYS A 43 -8.20 -3.93 -10.58
C LYS A 43 -8.20 -2.56 -9.96
N MET A 1 -16.05 -8.24 -1.38
CA MET A 1 -15.31 -8.23 -0.12
C MET A 1 -14.53 -9.53 0.05
N LYS A 2 -13.44 -9.47 0.78
CA LYS A 2 -12.52 -10.59 0.89
C LYS A 2 -12.24 -10.94 2.33
N LEU A 3 -12.52 -12.18 2.70
CA LEU A 3 -12.15 -12.71 4.01
C LEU A 3 -11.45 -14.04 3.92
N LEU A 4 -11.39 -14.65 2.75
CA LEU A 4 -10.84 -15.98 2.60
C LEU A 4 -10.30 -16.19 1.20
N SER A 5 -9.84 -15.11 0.58
CA SER A 5 -9.43 -15.15 -0.82
C SER A 5 -8.38 -14.11 -1.11
N SER A 6 -7.12 -14.50 -1.05
CA SER A 6 -6.02 -13.64 -1.47
C SER A 6 -5.78 -12.52 -0.50
N ILE A 7 -5.00 -11.54 -0.92
CA ILE A 7 -4.54 -10.46 -0.04
C ILE A 7 -3.80 -9.41 -0.83
N GLU A 8 -4.52 -8.73 -1.71
CA GLU A 8 -3.90 -7.87 -2.71
C GLU A 8 -3.48 -6.51 -2.18
N GLN A 9 -3.56 -6.29 -0.89
CA GLN A 9 -3.32 -4.98 -0.32
C GLN A 9 -1.85 -4.71 -0.08
N ALA A 10 -1.58 -3.60 0.59
CA ALA A 10 -0.21 -3.10 0.70
C ALA A 10 0.21 -2.58 -0.66
N CYS A 11 0.46 -1.30 -0.85
CA CYS A 11 0.57 -0.71 -2.18
C CYS A 11 1.89 -0.99 -2.85
N ASP A 12 2.00 -0.56 -4.10
CA ASP A 12 3.24 -0.68 -4.86
C ASP A 12 4.40 -0.05 -4.11
N ILE A 13 4.17 1.12 -3.55
CA ILE A 13 5.21 1.90 -2.89
C ILE A 13 5.77 1.24 -1.65
N CYS A 14 4.95 0.41 -1.01
CA CYS A 14 5.35 -0.24 0.23
C CYS A 14 6.27 -1.41 -0.05
N ARG A 15 6.02 -2.12 -1.14
CA ARG A 15 6.97 -3.14 -1.60
C ARG A 15 8.36 -2.59 -1.72
N LEU A 16 8.54 -1.57 -2.55
CA LEU A 16 9.84 -1.07 -2.96
C LEU A 16 10.60 -0.53 -1.77
N LYS A 17 9.94 0.36 -1.04
CA LYS A 17 10.57 1.09 0.05
C LYS A 17 10.74 0.22 1.28
N LYS A 18 9.95 -0.84 1.35
CA LYS A 18 9.87 -1.65 2.57
C LYS A 18 9.35 -0.79 3.70
N LEU A 19 8.07 -0.48 3.61
CA LEU A 19 7.39 0.46 4.50
C LEU A 19 6.19 -0.21 5.14
N LYS A 20 5.67 0.41 6.18
CA LYS A 20 4.42 -0.03 6.80
C LYS A 20 3.24 0.64 6.14
N CYS A 21 2.18 -0.11 5.92
CA CYS A 21 1.04 0.37 5.14
C CYS A 21 -0.24 0.39 5.96
N SER A 22 -0.44 1.43 6.74
CA SER A 22 -1.72 1.68 7.41
C SER A 22 -2.92 1.37 6.54
N LYS A 23 -2.78 1.51 5.24
CA LYS A 23 -3.76 1.07 4.25
C LYS A 23 -4.86 2.06 3.98
N GLU A 24 -4.73 3.30 4.42
CA GLU A 24 -5.62 4.38 4.00
C GLU A 24 -5.73 4.50 2.49
N LYS A 25 -6.78 5.17 2.07
CA LYS A 25 -7.17 5.22 0.67
C LYS A 25 -7.54 6.62 0.21
N PRO A 26 -7.30 6.91 -1.05
CA PRO A 26 -6.62 6.01 -2.09
C PRO A 26 -5.16 5.72 -1.84
N LYS A 27 -4.39 6.71 -1.47
CA LYS A 27 -2.96 6.56 -1.15
C LYS A 27 -2.80 6.49 0.35
N CYS A 28 -1.92 5.62 0.82
CA CYS A 28 -1.61 5.59 2.25
C CYS A 28 -1.18 6.96 2.72
N ALA A 29 -0.88 7.06 4.00
CA ALA A 29 -0.27 8.26 4.57
C ALA A 29 1.06 8.51 3.87
N LYS A 30 1.76 7.42 3.61
CA LYS A 30 3.00 7.40 2.86
C LYS A 30 3.00 8.22 1.59
N CYS A 31 2.30 7.70 0.58
CA CYS A 31 2.36 8.27 -0.77
C CYS A 31 1.86 9.70 -0.79
N LEU A 32 0.79 9.96 -0.06
CA LEU A 32 0.25 11.33 0.02
C LEU A 32 1.29 12.29 0.57
N LYS A 33 2.09 11.79 1.49
CA LYS A 33 3.08 12.61 2.17
C LYS A 33 4.25 12.95 1.25
N ASN A 34 4.52 12.06 0.33
CA ASN A 34 5.65 12.20 -0.60
C ASN A 34 5.20 12.42 -2.02
N ASN A 35 3.90 12.62 -2.22
CA ASN A 35 3.33 12.67 -3.56
C ASN A 35 3.85 11.54 -4.42
N TRP A 36 3.27 10.37 -4.27
CA TRP A 36 3.75 9.14 -4.91
C TRP A 36 2.64 8.52 -5.73
N GLU A 37 2.93 7.37 -6.33
CA GLU A 37 1.91 6.60 -7.04
C GLU A 37 1.54 5.35 -6.29
N CYS A 38 0.60 5.49 -5.36
CA CYS A 38 0.00 4.36 -4.68
C CYS A 38 -0.77 3.49 -5.65
N ARG A 39 -0.09 2.49 -6.19
CA ARG A 39 -0.73 1.48 -7.03
C ARG A 39 -1.02 0.22 -6.22
N TYR A 40 -2.15 0.26 -5.53
CA TYR A 40 -2.49 -0.74 -4.52
C TYR A 40 -3.95 -1.13 -4.60
N SER A 41 -4.24 -2.37 -4.23
CA SER A 41 -5.63 -2.83 -4.17
C SER A 41 -6.25 -2.83 -5.54
N PRO A 42 -7.56 -2.99 -5.62
CA PRO A 42 -8.40 -3.00 -6.89
C PRO A 42 -7.85 -2.18 -8.03
N LYS A 43 -7.67 -0.89 -7.79
CA LYS A 43 -6.98 -0.02 -8.74
C LYS A 43 -5.73 0.57 -8.12
N MET A 1 -4.91 -12.09 12.05
CA MET A 1 -3.85 -13.04 11.70
C MET A 1 -3.86 -13.33 10.22
N LYS A 2 -3.20 -12.47 9.45
CA LYS A 2 -3.00 -12.71 8.03
C LYS A 2 -1.91 -11.82 7.48
N LEU A 3 -0.94 -11.48 8.32
CA LEU A 3 0.13 -10.57 7.93
C LEU A 3 0.92 -11.14 6.78
N LEU A 4 1.33 -10.29 5.86
CA LEU A 4 1.96 -10.72 4.62
C LEU A 4 1.08 -11.74 3.91
N SER A 5 1.36 -13.01 4.11
CA SER A 5 0.61 -14.08 3.46
C SER A 5 0.38 -13.79 1.99
N SER A 6 -0.67 -14.36 1.43
CA SER A 6 -1.09 -14.01 0.07
C SER A 6 -2.57 -13.73 0.03
N ILE A 7 -2.94 -12.46 0.14
CA ILE A 7 -4.31 -11.96 0.01
C ILE A 7 -4.51 -10.60 0.67
N GLU A 8 -3.62 -10.28 1.59
CA GLU A 8 -3.66 -8.99 2.28
C GLU A 8 -2.83 -7.96 1.51
N GLN A 9 -3.46 -7.36 0.52
CA GLN A 9 -2.80 -6.47 -0.41
C GLN A 9 -2.21 -5.25 0.29
N ALA A 10 -1.14 -4.74 -0.27
CA ALA A 10 -0.54 -3.48 0.16
C ALA A 10 0.05 -2.77 -1.05
N CYS A 11 0.04 -1.46 -1.07
CA CYS A 11 0.37 -0.70 -2.27
C CYS A 11 1.76 -1.00 -2.79
N ASP A 12 2.04 -0.48 -3.97
CA ASP A 12 3.29 -0.77 -4.66
C ASP A 12 4.49 -0.37 -3.82
N ILE A 13 4.55 0.90 -3.46
CA ILE A 13 5.73 1.51 -2.85
C ILE A 13 6.00 1.16 -1.42
N CYS A 14 5.04 0.51 -0.78
CA CYS A 14 5.29 -0.11 0.52
C CYS A 14 6.05 -1.41 0.29
N ARG A 15 5.83 -1.99 -0.88
CA ARG A 15 6.68 -3.08 -1.37
C ARG A 15 8.12 -2.66 -1.60
N LEU A 16 8.35 -1.70 -2.48
CA LEU A 16 9.67 -1.35 -2.99
C LEU A 16 10.48 -0.70 -1.88
N LYS A 17 9.80 0.16 -1.13
CA LYS A 17 10.42 0.96 -0.09
C LYS A 17 10.66 0.16 1.17
N LYS A 18 9.87 -0.87 1.35
CA LYS A 18 9.83 -1.61 2.62
C LYS A 18 9.41 -0.67 3.74
N LEU A 19 8.14 -0.32 3.70
CA LEU A 19 7.54 0.65 4.62
C LEU A 19 6.33 0.06 5.32
N LYS A 20 5.69 0.86 6.12
CA LYS A 20 4.41 0.52 6.74
C LYS A 20 3.25 0.92 5.85
N CYS A 21 2.16 0.16 5.88
CA CYS A 21 1.00 0.45 5.04
C CYS A 21 -0.30 0.29 5.78
N SER A 22 -0.57 1.16 6.73
CA SER A 22 -1.88 1.26 7.36
C SER A 22 -3.03 1.08 6.37
N LYS A 23 -2.80 1.36 5.10
CA LYS A 23 -3.71 1.02 4.01
C LYS A 23 -4.77 2.07 3.75
N GLU A 24 -4.69 3.22 4.38
CA GLU A 24 -5.53 4.35 4.02
C GLU A 24 -5.54 4.55 2.51
N LYS A 25 -6.61 5.16 2.04
CA LYS A 25 -6.91 5.20 0.60
C LYS A 25 -7.37 6.57 0.15
N PRO A 26 -7.14 6.88 -1.10
CA PRO A 26 -6.39 6.05 -2.14
C PRO A 26 -4.91 5.82 -1.86
N LYS A 27 -4.22 6.83 -1.35
CA LYS A 27 -2.83 6.71 -0.94
C LYS A 27 -2.74 6.66 0.57
N CYS A 28 -1.86 5.80 1.06
CA CYS A 28 -1.56 5.78 2.50
C CYS A 28 -1.09 7.14 2.95
N ALA A 29 -0.65 7.22 4.19
CA ALA A 29 0.02 8.41 4.72
C ALA A 29 1.30 8.65 3.94
N LYS A 30 2.03 7.58 3.70
CA LYS A 30 3.27 7.58 2.94
C LYS A 30 3.22 8.36 1.63
N CYS A 31 2.50 7.80 0.67
CA CYS A 31 2.48 8.33 -0.69
C CYS A 31 1.98 9.77 -0.67
N LEU A 32 0.96 10.01 0.13
CA LEU A 32 0.35 11.34 0.19
C LEU A 32 1.37 12.37 0.63
N LYS A 33 2.27 11.94 1.49
CA LYS A 33 3.24 12.85 2.10
C LYS A 33 4.31 13.26 1.10
N ASN A 34 4.64 12.34 0.22
CA ASN A 34 5.68 12.54 -0.78
C ASN A 34 5.11 12.68 -2.18
N ASN A 35 3.80 12.72 -2.30
CA ASN A 35 3.15 12.68 -3.60
C ASN A 35 3.68 11.51 -4.42
N TRP A 36 3.10 10.34 -4.21
CA TRP A 36 3.52 9.11 -4.87
C TRP A 36 2.34 8.42 -5.50
N GLU A 37 2.60 7.39 -6.28
CA GLU A 37 1.54 6.69 -7.01
C GLU A 37 1.16 5.40 -6.30
N CYS A 38 0.62 5.55 -5.11
CA CYS A 38 0.06 4.43 -4.36
C CYS A 38 -0.79 3.54 -5.22
N ARG A 39 -0.18 2.49 -5.75
CA ARG A 39 -0.85 1.55 -6.63
C ARG A 39 -1.16 0.24 -5.93
N TYR A 40 -2.41 0.09 -5.51
CA TYR A 40 -2.91 -1.19 -5.01
C TYR A 40 -3.67 -1.90 -6.11
N SER A 41 -3.25 -3.10 -6.47
CA SER A 41 -3.79 -3.83 -7.61
C SER A 41 -3.96 -2.92 -8.80
N PRO A 42 -2.88 -2.70 -9.51
CA PRO A 42 -2.77 -1.86 -10.79
C PRO A 42 -3.68 -2.29 -11.91
N LYS A 43 -3.28 -3.34 -12.62
CA LYS A 43 -3.95 -3.78 -13.83
C LYS A 43 -4.23 -2.61 -14.75
N MET A 1 12.60 -11.73 20.83
CA MET A 1 12.07 -10.93 19.73
C MET A 1 12.39 -11.56 18.41
N LYS A 2 11.36 -12.08 17.74
CA LYS A 2 11.52 -12.74 16.45
C LYS A 2 10.61 -12.12 15.41
N LEU A 3 11.16 -11.25 14.60
CA LEU A 3 10.37 -10.45 13.66
C LEU A 3 10.43 -11.03 12.27
N LEU A 4 9.28 -11.16 11.64
CA LEU A 4 9.20 -11.55 10.23
C LEU A 4 7.98 -10.93 9.57
N SER A 5 8.17 -9.77 8.97
CA SER A 5 7.07 -8.99 8.43
C SER A 5 6.28 -9.77 7.41
N SER A 6 4.97 -9.65 7.45
CA SER A 6 4.08 -10.46 6.62
C SER A 6 2.64 -10.27 7.03
N ILE A 7 1.73 -10.29 6.08
CA ILE A 7 0.32 -9.95 6.23
C ILE A 7 -0.35 -9.97 4.85
N GLU A 8 -1.05 -8.91 4.49
CA GLU A 8 -1.89 -8.88 3.30
C GLU A 8 -1.47 -7.74 2.39
N GLN A 9 -2.43 -7.23 1.64
CA GLN A 9 -2.16 -6.27 0.58
C GLN A 9 -1.34 -5.11 1.09
N ALA A 10 -0.55 -4.52 0.21
CA ALA A 10 0.17 -3.28 0.50
C ALA A 10 0.51 -2.59 -0.81
N CYS A 11 0.45 -1.28 -0.86
CA CYS A 11 0.55 -0.55 -2.13
C CYS A 11 1.87 -0.82 -2.83
N ASP A 12 1.99 -0.35 -4.05
CA ASP A 12 3.23 -0.52 -4.82
C ASP A 12 4.41 0.07 -4.08
N ILE A 13 4.18 1.20 -3.41
CA ILE A 13 5.24 1.97 -2.78
C ILE A 13 5.76 1.33 -1.52
N CYS A 14 4.94 0.54 -0.86
CA CYS A 14 5.33 -0.16 0.36
C CYS A 14 6.17 -1.38 0.02
N ARG A 15 5.84 -2.01 -1.10
CA ARG A 15 6.67 -3.08 -1.64
C ARG A 15 8.11 -2.65 -1.75
N LEU A 16 8.36 -1.68 -2.60
CA LEU A 16 9.70 -1.28 -3.03
C LEU A 16 10.46 -0.67 -1.88
N LYS A 17 9.78 0.23 -1.16
CA LYS A 17 10.41 1.00 -0.10
C LYS A 17 10.59 0.19 1.16
N LYS A 18 9.82 -0.86 1.29
CA LYS A 18 9.75 -1.63 2.53
C LYS A 18 9.25 -0.73 3.65
N LEU A 19 7.96 -0.43 3.59
CA LEU A 19 7.29 0.48 4.50
C LEU A 19 6.08 -0.20 5.12
N LYS A 20 5.52 0.43 6.14
CA LYS A 20 4.25 0.01 6.72
C LYS A 20 3.08 0.66 6.01
N CYS A 21 1.96 -0.04 5.94
CA CYS A 21 0.83 0.41 5.13
C CYS A 21 -0.49 0.35 5.87
N SER A 22 -0.74 1.29 6.76
CA SER A 22 -2.06 1.47 7.36
C SER A 22 -3.19 1.26 6.37
N LYS A 23 -2.96 1.48 5.09
CA LYS A 23 -3.85 1.11 4.00
C LYS A 23 -4.89 2.17 3.68
N GLU A 24 -4.80 3.34 4.26
CA GLU A 24 -5.62 4.48 3.83
C GLU A 24 -5.64 4.60 2.32
N LYS A 25 -6.66 5.26 1.82
CA LYS A 25 -6.93 5.29 0.38
C LYS A 25 -7.34 6.66 -0.09
N PRO A 26 -7.06 6.96 -1.35
CA PRO A 26 -6.32 6.08 -2.36
C PRO A 26 -4.87 5.80 -2.02
N LYS A 27 -4.13 6.78 -1.57
CA LYS A 27 -2.75 6.60 -1.13
C LYS A 27 -2.69 6.56 0.39
N CYS A 28 -1.83 5.71 0.91
CA CYS A 28 -1.55 5.69 2.35
C CYS A 28 -1.10 7.06 2.81
N ALA A 29 -0.71 7.14 4.07
CA ALA A 29 -0.07 8.33 4.62
C ALA A 29 1.26 8.57 3.92
N LYS A 30 1.97 7.48 3.66
CA LYS A 30 3.22 7.47 2.91
C LYS A 30 3.19 8.25 1.61
N CYS A 31 2.46 7.75 0.64
CA CYS A 31 2.44 8.33 -0.70
C CYS A 31 1.99 9.78 -0.65
N LEU A 32 0.97 10.03 0.16
CA LEU A 32 0.45 11.39 0.27
C LEU A 32 1.54 12.34 0.74
N LYS A 33 2.40 11.82 1.59
CA LYS A 33 3.43 12.65 2.23
C LYS A 33 4.56 12.98 1.28
N ASN A 34 4.77 12.12 0.31
CA ASN A 34 5.83 12.28 -0.67
C ASN A 34 5.30 12.51 -2.07
N ASN A 35 3.99 12.67 -2.21
CA ASN A 35 3.35 12.72 -3.52
C ASN A 35 3.79 11.56 -4.39
N TRP A 36 3.13 10.43 -4.23
CA TRP A 36 3.49 9.19 -4.92
C TRP A 36 2.27 8.59 -5.58
N GLU A 37 2.46 7.53 -6.35
CA GLU A 37 1.39 6.97 -7.19
C GLU A 37 0.87 5.68 -6.59
N CYS A 38 0.45 5.75 -5.35
CA CYS A 38 -0.08 4.61 -4.61
C CYS A 38 -1.00 3.72 -5.43
N ARG A 39 -0.48 2.56 -5.80
CA ARG A 39 -1.30 1.46 -6.33
C ARG A 39 -1.60 0.48 -5.21
N TYR A 40 -2.43 -0.52 -5.47
CA TYR A 40 -2.66 -1.59 -4.49
C TYR A 40 -2.69 -2.97 -5.10
N SER A 41 -3.19 -3.13 -6.30
CA SER A 41 -3.30 -4.45 -6.93
C SER A 41 -4.05 -4.40 -8.25
N PRO A 42 -3.66 -5.28 -9.15
CA PRO A 42 -4.25 -5.51 -10.54
C PRO A 42 -5.29 -6.62 -10.62
N LYS A 43 -4.85 -7.85 -10.67
CA LYS A 43 -5.75 -9.00 -10.78
C LYS A 43 -5.00 -10.30 -10.62
N MET A 1 4.85 -6.37 15.35
CA MET A 1 3.46 -6.12 14.96
C MET A 1 3.17 -6.71 13.60
N LYS A 2 2.89 -8.00 13.57
CA LYS A 2 2.70 -8.72 12.32
C LYS A 2 1.64 -9.80 12.48
N LEU A 3 0.92 -10.08 11.42
CA LEU A 3 -0.22 -10.99 11.44
C LEU A 3 -1.46 -10.37 12.06
N LEU A 4 -1.38 -9.13 12.51
CA LEU A 4 -2.44 -8.47 13.28
C LEU A 4 -3.83 -8.93 12.90
N SER A 5 -4.21 -8.70 11.65
CA SER A 5 -5.53 -9.06 11.16
C SER A 5 -5.49 -9.46 9.71
N SER A 6 -6.64 -9.85 9.18
CA SER A 6 -6.77 -10.11 7.75
C SER A 6 -6.55 -8.85 6.93
N ILE A 7 -7.04 -8.80 5.69
CA ILE A 7 -6.67 -7.67 4.84
C ILE A 7 -5.16 -7.46 4.92
N GLU A 8 -4.45 -8.36 4.25
CA GLU A 8 -3.00 -8.21 4.10
C GLU A 8 -2.61 -7.59 2.77
N GLN A 9 -3.50 -6.78 2.21
CA GLN A 9 -3.17 -5.97 1.04
C GLN A 9 -1.99 -5.07 1.34
N ALA A 10 -1.50 -4.39 0.31
CA ALA A 10 -0.46 -3.37 0.50
C ALA A 10 -0.09 -2.75 -0.83
N CYS A 11 0.21 -1.46 -0.86
CA CYS A 11 0.42 -0.73 -2.11
C CYS A 11 1.77 -1.03 -2.71
N ASP A 12 2.02 -0.52 -3.90
CA ASP A 12 3.29 -0.74 -4.59
C ASP A 12 4.42 -0.07 -3.86
N ILE A 13 4.24 1.20 -3.53
CA ILE A 13 5.30 2.02 -2.93
C ILE A 13 5.85 1.42 -1.66
N CYS A 14 5.01 0.67 -0.95
CA CYS A 14 5.42 0.02 0.30
C CYS A 14 6.24 -1.21 0.00
N ARG A 15 5.92 -1.85 -1.11
CA ARG A 15 6.74 -2.94 -1.64
C ARG A 15 8.19 -2.53 -1.74
N LEU A 16 8.46 -1.55 -2.58
CA LEU A 16 9.80 -1.16 -2.99
C LEU A 16 10.59 -0.60 -1.83
N LYS A 17 9.97 0.33 -1.12
CA LYS A 17 10.62 1.04 -0.03
C LYS A 17 10.74 0.17 1.21
N LYS A 18 9.90 -0.84 1.28
CA LYS A 18 9.74 -1.64 2.49
C LYS A 18 9.34 -0.75 3.65
N LEU A 19 8.08 -0.35 3.63
CA LEU A 19 7.44 0.38 4.72
C LEU A 19 6.20 -0.38 5.19
N LYS A 20 5.55 0.16 6.19
CA LYS A 20 4.25 -0.34 6.64
C LYS A 20 3.13 0.35 5.89
N CYS A 21 1.97 -0.27 5.86
CA CYS A 21 0.84 0.26 5.06
C CYS A 21 -0.48 0.15 5.78
N SER A 22 -0.75 1.06 6.70
CA SER A 22 -2.08 1.21 7.29
C SER A 22 -3.19 1.08 6.28
N LYS A 23 -2.95 1.41 5.03
CA LYS A 23 -3.83 1.12 3.91
C LYS A 23 -4.86 2.20 3.67
N GLU A 24 -4.78 3.34 4.33
CA GLU A 24 -5.61 4.49 3.98
C GLU A 24 -5.59 4.70 2.48
N LYS A 25 -6.62 5.37 1.98
CA LYS A 25 -6.85 5.45 0.55
C LYS A 25 -7.26 6.84 0.11
N PRO A 26 -6.99 7.15 -1.14
CA PRO A 26 -6.28 6.29 -2.19
C PRO A 26 -4.83 5.98 -1.90
N LYS A 27 -4.09 6.95 -1.39
CA LYS A 27 -2.72 6.73 -0.93
C LYS A 27 -2.68 6.67 0.58
N CYS A 28 -1.84 5.80 1.11
CA CYS A 28 -1.57 5.78 2.54
C CYS A 28 -1.13 7.16 3.01
N ALA A 29 -0.77 7.25 4.27
CA ALA A 29 -0.16 8.46 4.81
C ALA A 29 1.04 8.85 3.97
N LYS A 30 1.89 7.87 3.72
CA LYS A 30 3.20 8.15 3.15
C LYS A 30 3.26 8.54 1.69
N CYS A 31 2.55 7.90 0.79
CA CYS A 31 2.52 8.36 -0.61
C CYS A 31 2.01 9.80 -0.63
N LEU A 32 1.02 10.06 0.21
CA LEU A 32 0.45 11.41 0.28
C LEU A 32 1.49 12.42 0.69
N LYS A 33 2.42 11.99 1.52
CA LYS A 33 3.44 12.88 2.07
C LYS A 33 4.52 13.21 1.06
N ASN A 34 4.74 12.29 0.14
CA ASN A 34 5.75 12.45 -0.91
C ASN A 34 5.10 12.56 -2.27
N ASN A 35 3.80 12.76 -2.32
CA ASN A 35 3.04 12.71 -3.58
C ASN A 35 3.49 11.58 -4.47
N TRP A 36 2.97 10.40 -4.23
CA TRP A 36 3.41 9.17 -4.89
C TRP A 36 2.25 8.46 -5.54
N GLU A 37 2.54 7.38 -6.24
CA GLU A 37 1.52 6.66 -7.00
C GLU A 37 1.15 5.36 -6.29
N CYS A 38 0.66 5.50 -5.07
CA CYS A 38 0.09 4.39 -4.31
C CYS A 38 -0.80 3.52 -5.17
N ARG A 39 -0.23 2.44 -5.68
CA ARG A 39 -0.96 1.48 -6.51
C ARG A 39 -1.05 0.10 -5.89
N TYR A 40 -2.20 -0.21 -5.31
CA TYR A 40 -2.44 -1.54 -4.75
C TYR A 40 -3.20 -2.42 -5.71
N SER A 41 -3.74 -1.87 -6.79
CA SER A 41 -4.63 -2.59 -7.69
C SER A 41 -4.12 -3.97 -8.06
N PRO A 42 -2.86 -4.06 -8.44
CA PRO A 42 -2.14 -5.30 -8.93
C PRO A 42 -2.25 -6.51 -8.01
N LYS A 43 -1.29 -6.70 -7.13
CA LYS A 43 -1.22 -7.92 -6.33
C LYS A 43 -0.62 -7.63 -4.98
N MET A 1 -7.68 -16.74 -0.79
CA MET A 1 -7.90 -17.71 0.28
C MET A 1 -7.70 -19.13 -0.22
N LYS A 2 -6.50 -19.40 -0.70
CA LYS A 2 -6.15 -20.63 -1.40
C LYS A 2 -4.93 -20.39 -2.28
N LEU A 3 -4.85 -19.18 -2.79
CA LEU A 3 -3.65 -18.70 -3.49
C LEU A 3 -2.69 -18.08 -2.50
N LEU A 4 -1.94 -17.08 -2.93
CA LEU A 4 -1.10 -16.30 -2.03
C LEU A 4 -1.80 -15.02 -1.62
N SER A 5 -2.13 -14.92 -0.35
CA SER A 5 -2.79 -13.73 0.19
C SER A 5 -2.11 -13.28 1.47
N SER A 6 -2.30 -14.05 2.52
CA SER A 6 -1.66 -13.76 3.82
C SER A 6 -2.32 -12.56 4.46
N ILE A 7 -1.60 -11.86 5.30
CA ILE A 7 -2.06 -10.58 5.86
C ILE A 7 -1.06 -9.51 5.57
N GLU A 8 -1.14 -8.88 4.41
CA GLU A 8 -0.30 -7.71 4.11
C GLU A 8 -0.60 -7.09 2.76
N GLN A 9 -1.85 -6.79 2.51
CA GLN A 9 -2.20 -5.98 1.33
C GLN A 9 -1.61 -4.60 1.47
N ALA A 10 -0.79 -4.23 0.52
CA ALA A 10 -0.02 -2.99 0.61
C ALA A 10 0.23 -2.45 -0.78
N CYS A 11 0.41 -1.15 -0.88
CA CYS A 11 0.48 -0.47 -2.18
C CYS A 11 1.80 -0.76 -2.87
N ASP A 12 1.98 -0.23 -4.05
CA ASP A 12 3.21 -0.44 -4.81
C ASP A 12 4.41 0.10 -4.06
N ILE A 13 4.20 1.21 -3.36
CA ILE A 13 5.28 1.93 -2.69
C ILE A 13 5.76 1.26 -1.42
N CYS A 14 4.90 0.53 -0.75
CA CYS A 14 5.26 -0.17 0.48
C CYS A 14 6.00 -1.45 0.17
N ARG A 15 5.61 -2.09 -0.91
CA ARG A 15 6.39 -3.20 -1.46
C ARG A 15 7.82 -2.80 -1.70
N LEU A 16 8.03 -1.81 -2.54
CA LEU A 16 9.34 -1.43 -3.06
C LEU A 16 10.24 -0.97 -1.94
N LYS A 17 9.74 -0.03 -1.16
CA LYS A 17 10.52 0.61 -0.10
C LYS A 17 10.64 -0.28 1.13
N LYS A 18 9.72 -1.21 1.25
CA LYS A 18 9.59 -2.00 2.47
C LYS A 18 9.31 -1.08 3.64
N LEU A 19 8.09 -0.57 3.63
CA LEU A 19 7.61 0.46 4.56
C LEU A 19 6.42 -0.05 5.35
N LYS A 20 5.90 0.79 6.22
CA LYS A 20 4.65 0.53 6.92
C LYS A 20 3.47 1.03 6.12
N CYS A 21 2.37 0.29 6.12
CA CYS A 21 1.24 0.61 5.25
C CYS A 21 -0.10 0.47 5.95
N SER A 22 -0.48 1.46 6.74
CA SER A 22 -1.83 1.60 7.27
C SER A 22 -2.93 1.28 6.28
N LYS A 23 -2.66 1.36 4.98
CA LYS A 23 -3.60 0.98 3.92
C LYS A 23 -4.69 1.98 3.65
N GLU A 24 -4.69 3.13 4.31
CA GLU A 24 -5.59 4.22 3.96
C GLU A 24 -5.57 4.45 2.47
N LYS A 25 -6.67 5.01 1.97
CA LYS A 25 -6.95 5.06 0.54
C LYS A 25 -7.45 6.41 0.10
N PRO A 26 -7.23 6.72 -1.16
CA PRO A 26 -6.47 5.90 -2.19
C PRO A 26 -4.99 5.70 -1.90
N LYS A 27 -4.31 6.73 -1.45
CA LYS A 27 -2.93 6.64 -1.01
C LYS A 27 -2.84 6.62 0.49
N CYS A 28 -1.96 5.81 1.04
CA CYS A 28 -1.69 5.85 2.48
C CYS A 28 -1.26 7.25 2.89
N ALA A 29 -0.90 7.38 4.15
CA ALA A 29 -0.28 8.60 4.65
C ALA A 29 1.06 8.81 3.96
N LYS A 30 1.77 7.71 3.77
CA LYS A 30 3.04 7.68 3.05
C LYS A 30 3.04 8.44 1.73
N CYS A 31 2.35 7.87 0.75
CA CYS A 31 2.41 8.40 -0.61
C CYS A 31 1.95 9.84 -0.64
N LEU A 32 0.89 10.12 0.08
CA LEU A 32 0.31 11.47 0.07
C LEU A 32 1.34 12.48 0.54
N LYS A 33 2.18 12.05 1.46
CA LYS A 33 3.16 12.96 2.07
C LYS A 33 4.34 13.22 1.16
N ASN A 34 4.65 12.25 0.33
CA ASN A 34 5.75 12.34 -0.63
C ASN A 34 5.25 12.55 -2.04
N ASN A 35 3.95 12.72 -2.21
CA ASN A 35 3.35 12.75 -3.54
C ASN A 35 3.82 11.58 -4.37
N TRP A 36 3.21 10.42 -4.15
CA TRP A 36 3.61 9.17 -4.79
C TRP A 36 2.42 8.53 -5.48
N GLU A 37 2.67 7.45 -6.20
CA GLU A 37 1.61 6.80 -6.99
C GLU A 37 1.16 5.53 -6.31
N CYS A 38 0.59 5.67 -5.13
CA CYS A 38 -0.05 4.56 -4.43
C CYS A 38 -0.94 3.78 -5.36
N ARG A 39 -0.43 2.67 -5.85
CA ARG A 39 -1.23 1.73 -6.63
C ARG A 39 -1.19 0.31 -6.08
N TYR A 40 -2.35 -0.17 -5.65
CA TYR A 40 -2.48 -1.48 -5.02
C TYR A 40 -2.88 -2.51 -6.06
N SER A 41 -3.48 -2.05 -7.14
CA SER A 41 -3.71 -2.80 -8.36
C SER A 41 -4.12 -4.25 -8.15
N PRO A 42 -5.42 -4.48 -8.11
CA PRO A 42 -6.08 -5.86 -7.99
C PRO A 42 -5.46 -6.93 -8.87
N LYS A 43 -4.98 -6.53 -10.03
CA LYS A 43 -4.21 -7.41 -10.91
C LYS A 43 -3.17 -6.63 -11.68
N MET A 1 -13.81 0.73 -12.21
CA MET A 1 -13.24 -0.41 -11.50
C MET A 1 -14.21 -0.97 -10.47
N LYS A 2 -14.40 -2.26 -10.50
CA LYS A 2 -15.32 -2.93 -9.58
C LYS A 2 -14.57 -3.80 -8.59
N LEU A 3 -15.29 -4.61 -7.84
CA LEU A 3 -14.77 -5.60 -6.90
C LEU A 3 -14.67 -5.01 -5.51
N LEU A 4 -13.79 -4.04 -5.35
CA LEU A 4 -13.53 -3.43 -4.05
C LEU A 4 -12.99 -4.43 -3.04
N SER A 5 -12.54 -5.58 -3.47
CA SER A 5 -11.84 -6.59 -2.68
C SER A 5 -12.20 -6.59 -1.21
N SER A 6 -11.47 -5.82 -0.43
CA SER A 6 -11.58 -5.83 1.03
C SER A 6 -10.78 -6.97 1.62
N ILE A 7 -9.46 -6.85 1.57
CA ILE A 7 -8.56 -7.88 2.11
C ILE A 7 -7.16 -7.32 2.21
N GLU A 8 -6.52 -7.27 3.36
CA GLU A 8 -5.26 -6.55 3.59
C GLU A 8 -4.29 -6.58 2.42
N GLN A 9 -4.44 -5.58 1.55
CA GLN A 9 -3.49 -5.34 0.46
C GLN A 9 -2.31 -4.53 0.97
N ALA A 10 -1.50 -4.07 0.05
CA ALA A 10 -0.42 -3.11 0.37
C ALA A 10 0.09 -2.48 -0.90
N CYS A 11 0.25 -1.18 -0.96
CA CYS A 11 0.53 -0.48 -2.22
C CYS A 11 1.93 -0.78 -2.72
N ASP A 12 2.23 -0.29 -3.92
CA ASP A 12 3.53 -0.54 -4.56
C ASP A 12 4.65 0.17 -3.86
N ILE A 13 4.36 1.28 -3.19
CA ILE A 13 5.38 2.12 -2.59
C ILE A 13 5.94 1.53 -1.31
N CYS A 14 5.09 0.83 -0.58
CA CYS A 14 5.51 0.11 0.62
C CYS A 14 6.23 -1.17 0.24
N ARG A 15 5.80 -1.76 -0.87
CA ARG A 15 6.51 -2.89 -1.45
C ARG A 15 7.99 -2.61 -1.57
N LEU A 16 8.32 -1.62 -2.37
CA LEU A 16 9.68 -1.33 -2.82
C LEU A 16 10.51 -0.77 -1.68
N LYS A 17 9.89 0.15 -0.95
CA LYS A 17 10.59 0.87 0.11
C LYS A 17 10.82 0.01 1.33
N LYS A 18 10.07 -1.07 1.41
CA LYS A 18 10.07 -1.90 2.61
C LYS A 18 9.60 -1.07 3.81
N LEU A 19 8.31 -0.81 3.81
CA LEU A 19 7.63 0.05 4.77
C LEU A 19 6.50 -0.72 5.43
N LYS A 20 5.67 0.00 6.16
CA LYS A 20 4.40 -0.53 6.64
C LYS A 20 3.31 -0.26 5.62
N CYS A 21 2.09 -0.14 6.06
CA CYS A 21 1.00 0.34 5.22
C CYS A 21 -0.31 0.37 5.97
N SER A 22 -0.53 1.42 6.74
CA SER A 22 -1.82 1.70 7.37
C SER A 22 -2.99 1.40 6.46
N LYS A 23 -2.83 1.56 5.16
CA LYS A 23 -3.78 1.12 4.15
C LYS A 23 -4.84 2.16 3.84
N GLU A 24 -4.75 3.34 4.40
CA GLU A 24 -5.60 4.46 4.00
C GLU A 24 -5.69 4.56 2.48
N LYS A 25 -6.75 5.18 2.02
CA LYS A 25 -7.10 5.18 0.60
C LYS A 25 -7.56 6.53 0.11
N PRO A 26 -7.25 6.85 -1.13
CA PRO A 26 -6.42 6.02 -2.11
C PRO A 26 -4.96 5.85 -1.75
N LYS A 27 -4.29 6.91 -1.35
CA LYS A 27 -2.88 6.85 -0.97
C LYS A 27 -2.75 6.72 0.52
N CYS A 28 -1.88 5.83 0.98
CA CYS A 28 -1.56 5.75 2.40
C CYS A 28 -1.06 7.08 2.90
N ALA A 29 -0.59 7.10 4.14
CA ALA A 29 0.10 8.25 4.70
C ALA A 29 1.33 8.57 3.87
N LYS A 30 2.10 7.56 3.57
CA LYS A 30 3.31 7.66 2.75
C LYS A 30 3.14 8.48 1.48
N CYS A 31 2.43 7.87 0.53
CA CYS A 31 2.37 8.45 -0.81
C CYS A 31 1.82 9.86 -0.81
N LEU A 32 0.81 10.09 0.00
CA LEU A 32 0.20 11.42 0.09
C LEU A 32 1.23 12.44 0.53
N LYS A 33 2.09 12.01 1.44
CA LYS A 33 3.09 12.91 2.03
C LYS A 33 4.17 13.28 1.03
N ASN A 34 4.41 12.37 0.10
CA ASN A 34 5.51 12.51 -0.85
C ASN A 34 5.01 12.67 -2.27
N ASN A 35 3.71 12.78 -2.46
CA ASN A 35 3.12 12.76 -3.81
C ASN A 35 3.66 11.59 -4.61
N TRP A 36 3.09 10.42 -4.40
CA TRP A 36 3.55 9.18 -5.02
C TRP A 36 2.40 8.49 -5.71
N GLU A 37 2.71 7.41 -6.41
CA GLU A 37 1.68 6.67 -7.14
C GLU A 37 1.29 5.41 -6.39
N CYS A 38 0.60 5.60 -5.28
CA CYS A 38 0.00 4.51 -4.53
C CYS A 38 -0.78 3.59 -5.43
N ARG A 39 -0.13 2.52 -5.85
CA ARG A 39 -0.76 1.47 -6.66
C ARG A 39 -1.18 0.27 -5.82
N TYR A 40 -2.48 0.18 -5.58
CA TYR A 40 -3.07 -0.99 -4.92
C TYR A 40 -3.62 -1.95 -5.95
N SER A 41 -2.81 -2.27 -6.94
CA SER A 41 -3.16 -3.27 -7.95
C SER A 41 -2.16 -4.40 -7.97
N PRO A 42 -1.94 -5.00 -6.81
CA PRO A 42 -1.01 -6.18 -6.58
C PRO A 42 -1.17 -7.33 -7.55
N LYS A 43 -2.29 -8.03 -7.44
CA LYS A 43 -2.75 -9.06 -8.37
C LYS A 43 -1.72 -9.48 -9.38
N MET A 1 10.06 -22.50 -1.73
CA MET A 1 10.23 -21.29 -2.54
C MET A 1 10.35 -20.07 -1.66
N LYS A 2 10.45 -18.92 -2.28
CA LYS A 2 10.67 -17.66 -1.57
C LYS A 2 9.64 -17.47 -0.48
N LEU A 3 8.37 -17.58 -0.86
CA LEU A 3 7.26 -17.32 0.05
C LEU A 3 7.46 -16.02 0.79
N LEU A 4 7.76 -16.07 2.07
CA LEU A 4 7.82 -14.89 2.94
C LEU A 4 6.62 -13.99 2.77
N SER A 5 6.68 -13.04 1.85
CA SER A 5 5.58 -12.13 1.58
C SER A 5 4.35 -12.87 1.07
N SER A 6 3.44 -12.14 0.45
CA SER A 6 2.26 -12.70 -0.19
C SER A 6 1.13 -12.85 0.80
N ILE A 7 0.55 -11.73 1.21
CA ILE A 7 -0.47 -11.72 2.26
C ILE A 7 -1.24 -10.42 2.20
N GLU A 8 -1.57 -9.88 3.35
CA GLU A 8 -2.15 -8.55 3.53
C GLU A 8 -1.82 -7.59 2.40
N GLN A 9 -2.84 -7.29 1.61
CA GLN A 9 -2.83 -6.22 0.63
C GLN A 9 -1.98 -5.06 1.09
N ALA A 10 -1.32 -4.42 0.14
CA ALA A 10 -0.56 -3.19 0.42
C ALA A 10 0.01 -2.64 -0.86
N CYS A 11 0.07 -1.34 -1.02
CA CYS A 11 0.37 -0.73 -2.31
C CYS A 11 1.76 -1.06 -2.80
N ASP A 12 2.06 -0.63 -4.01
CA ASP A 12 3.38 -0.83 -4.61
C ASP A 12 4.46 -0.13 -3.82
N ILE A 13 4.21 1.11 -3.45
CA ILE A 13 5.23 1.96 -2.82
C ILE A 13 5.78 1.38 -1.53
N CYS A 14 4.95 0.61 -0.86
CA CYS A 14 5.37 -0.06 0.37
C CYS A 14 6.23 -1.27 0.05
N ARG A 15 5.94 -1.90 -1.08
CA ARG A 15 6.80 -2.94 -1.61
C ARG A 15 8.24 -2.50 -1.66
N LEU A 16 8.51 -1.48 -2.47
CA LEU A 16 9.85 -1.06 -2.86
C LEU A 16 10.59 -0.47 -1.68
N LYS A 17 9.93 0.44 -0.98
CA LYS A 17 10.54 1.18 0.11
C LYS A 17 10.69 0.33 1.36
N LYS A 18 9.92 -0.74 1.42
CA LYS A 18 9.82 -1.53 2.63
C LYS A 18 9.29 -0.67 3.77
N LEU A 19 8.02 -0.35 3.67
CA LEU A 19 7.32 0.54 4.58
C LEU A 19 6.09 -0.15 5.14
N LYS A 20 5.66 0.27 6.31
CA LYS A 20 4.40 -0.21 6.88
C LYS A 20 3.22 0.50 6.24
N CYS A 21 2.20 -0.26 5.89
CA CYS A 21 1.07 0.26 5.12
C CYS A 21 -0.20 0.25 5.92
N SER A 22 -0.41 1.23 6.78
CA SER A 22 -1.69 1.46 7.44
C SER A 22 -2.87 1.20 6.51
N LYS A 23 -2.68 1.43 5.23
CA LYS A 23 -3.61 1.01 4.18
C LYS A 23 -4.70 2.01 3.89
N GLU A 24 -4.66 3.20 4.45
CA GLU A 24 -5.53 4.29 4.03
C GLU A 24 -5.55 4.41 2.51
N LYS A 25 -6.65 4.94 2.00
CA LYS A 25 -6.93 4.91 0.58
C LYS A 25 -7.49 6.22 0.08
N PRO A 26 -7.25 6.53 -1.18
CA PRO A 26 -6.39 5.74 -2.17
C PRO A 26 -4.91 5.65 -1.84
N LYS A 27 -4.31 6.73 -1.37
CA LYS A 27 -2.91 6.74 -0.97
C LYS A 27 -2.80 6.67 0.54
N CYS A 28 -1.91 5.82 1.03
CA CYS A 28 -1.60 5.80 2.45
C CYS A 28 -1.14 7.17 2.90
N ALA A 29 -0.70 7.24 4.15
CA ALA A 29 -0.04 8.43 4.68
C ALA A 29 1.27 8.67 3.96
N LYS A 30 1.97 7.58 3.71
CA LYS A 30 3.21 7.55 2.93
C LYS A 30 3.17 8.36 1.64
N CYS A 31 2.44 7.84 0.67
CA CYS A 31 2.44 8.39 -0.69
C CYS A 31 1.95 9.82 -0.68
N LEU A 32 0.94 10.08 0.14
CA LEU A 32 0.41 11.45 0.24
C LEU A 32 1.51 12.41 0.63
N LYS A 33 2.36 11.96 1.54
CA LYS A 33 3.40 12.80 2.10
C LYS A 33 4.48 13.09 1.08
N ASN A 34 4.64 12.16 0.14
CA ASN A 34 5.69 12.25 -0.87
C ASN A 34 5.13 12.15 -2.28
N ASN A 35 3.92 12.63 -2.49
CA ASN A 35 3.32 12.74 -3.83
C ASN A 35 3.72 11.58 -4.72
N TRP A 36 3.23 10.41 -4.36
CA TRP A 36 3.64 9.13 -4.96
C TRP A 36 2.49 8.48 -5.68
N GLU A 37 2.74 7.33 -6.28
CA GLU A 37 1.70 6.59 -7.00
C GLU A 37 1.30 5.34 -6.25
N CYS A 38 0.66 5.53 -5.11
CA CYS A 38 0.05 4.45 -4.35
C CYS A 38 -0.74 3.53 -5.26
N ARG A 39 -0.10 2.44 -5.65
CA ARG A 39 -0.66 1.51 -6.62
C ARG A 39 -1.27 0.29 -5.96
N TYR A 40 -2.55 0.37 -5.66
CA TYR A 40 -3.33 -0.79 -5.25
C TYR A 40 -4.16 -1.26 -6.44
N SER A 41 -3.76 -2.34 -7.10
CA SER A 41 -4.40 -2.73 -8.35
C SER A 41 -4.36 -4.22 -8.60
N PRO A 42 -3.18 -4.78 -8.63
CA PRO A 42 -2.85 -6.23 -8.93
C PRO A 42 -3.89 -7.23 -8.47
N LYS A 43 -3.92 -7.50 -7.16
CA LYS A 43 -4.77 -8.56 -6.62
C LYS A 43 -4.56 -9.85 -7.38
N MET A 1 -12.02 -17.47 4.47
CA MET A 1 -11.03 -17.84 3.48
C MET A 1 -11.53 -17.55 2.08
N LYS A 2 -10.72 -16.84 1.31
CA LYS A 2 -11.13 -16.36 -0.01
C LYS A 2 -10.40 -17.08 -1.12
N LEU A 3 -9.08 -17.04 -1.07
CA LEU A 3 -8.25 -17.55 -2.15
C LEU A 3 -8.59 -16.86 -3.46
N LEU A 4 -8.40 -15.55 -3.48
CA LEU A 4 -8.60 -14.75 -4.69
C LEU A 4 -7.39 -13.88 -4.95
N SER A 5 -7.56 -12.86 -5.78
CA SER A 5 -6.54 -11.85 -5.96
C SER A 5 -6.74 -10.67 -5.01
N SER A 6 -7.41 -10.92 -3.89
CA SER A 6 -7.54 -9.92 -2.83
C SER A 6 -7.14 -10.50 -1.49
N ILE A 7 -7.05 -9.65 -0.49
CA ILE A 7 -6.51 -9.93 0.83
C ILE A 7 -5.87 -8.68 1.39
N GLU A 8 -5.63 -8.68 2.69
CA GLU A 8 -4.82 -7.67 3.37
C GLU A 8 -3.68 -7.16 2.50
N GLN A 9 -3.97 -6.15 1.70
CA GLN A 9 -3.07 -5.68 0.66
C GLN A 9 -2.04 -4.69 1.17
N ALA A 10 -1.08 -4.40 0.32
CA ALA A 10 -0.10 -3.32 0.55
C ALA A 10 0.35 -2.76 -0.77
N CYS A 11 0.27 -1.48 -1.04
CA CYS A 11 0.46 -0.93 -2.37
C CYS A 11 1.86 -1.19 -2.90
N ASP A 12 2.09 -0.80 -4.14
CA ASP A 12 3.40 -0.95 -4.76
C ASP A 12 4.46 -0.24 -3.97
N ILE A 13 4.18 0.99 -3.55
CA ILE A 13 5.19 1.85 -2.93
C ILE A 13 5.75 1.30 -1.64
N CYS A 14 4.94 0.58 -0.90
CA CYS A 14 5.39 -0.03 0.35
C CYS A 14 6.24 -1.26 0.07
N ARG A 15 5.91 -1.94 -1.01
CA ARG A 15 6.76 -3.02 -1.50
C ARG A 15 8.20 -2.58 -1.61
N LEU A 16 8.45 -1.62 -2.47
CA LEU A 16 9.79 -1.22 -2.90
C LEU A 16 10.57 -0.63 -1.75
N LYS A 17 9.95 0.35 -1.10
CA LYS A 17 10.62 1.14 -0.07
C LYS A 17 10.78 0.37 1.21
N LYS A 18 10.01 -0.70 1.35
CA LYS A 18 9.94 -1.44 2.60
C LYS A 18 9.42 -0.53 3.70
N LEU A 19 8.14 -0.25 3.62
CA LEU A 19 7.47 0.72 4.46
C LEU A 19 6.26 0.07 5.15
N LYS A 20 5.66 0.79 6.06
CA LYS A 20 4.40 0.38 6.68
C LYS A 20 3.23 0.88 5.87
N CYS A 21 2.11 0.16 5.93
CA CYS A 21 0.97 0.46 5.06
C CYS A 21 -0.35 0.41 5.80
N SER A 22 -0.67 1.46 6.55
CA SER A 22 -1.98 1.67 7.13
C SER A 22 -3.15 1.40 6.20
N LYS A 23 -2.94 1.41 4.89
CA LYS A 23 -3.95 1.06 3.90
C LYS A 23 -4.96 2.16 3.63
N GLU A 24 -4.90 3.28 4.32
CA GLU A 24 -5.72 4.44 3.97
C GLU A 24 -5.70 4.65 2.47
N LYS A 25 -6.77 5.26 1.98
CA LYS A 25 -7.01 5.33 0.54
C LYS A 25 -7.49 6.69 0.11
N PRO A 26 -7.26 7.03 -1.14
CA PRO A 26 -6.51 6.21 -2.19
C PRO A 26 -5.04 5.98 -1.93
N LYS A 27 -4.35 6.95 -1.38
CA LYS A 27 -2.96 6.80 -0.96
C LYS A 27 -2.87 6.68 0.54
N CYS A 28 -2.04 5.76 1.01
CA CYS A 28 -1.72 5.68 2.43
C CYS A 28 -1.18 6.99 2.94
N ALA A 29 -0.73 6.98 4.19
CA ALA A 29 0.01 8.10 4.75
C ALA A 29 1.27 8.33 3.95
N LYS A 30 1.94 7.24 3.61
CA LYS A 30 3.18 7.24 2.84
C LYS A 30 3.16 8.08 1.58
N CYS A 31 2.39 7.63 0.60
CA CYS A 31 2.39 8.24 -0.73
C CYS A 31 1.92 9.68 -0.65
N LEU A 32 0.94 9.93 0.19
CA LEU A 32 0.43 11.30 0.37
C LEU A 32 1.56 12.21 0.84
N LYS A 33 2.43 11.65 1.67
CA LYS A 33 3.49 12.42 2.31
C LYS A 33 4.55 12.83 1.30
N ASN A 34 4.72 11.99 0.29
CA ASN A 34 5.78 12.18 -0.70
C ASN A 34 5.21 12.42 -2.08
N ASN A 35 3.90 12.59 -2.20
CA ASN A 35 3.26 12.65 -3.51
C ASN A 35 3.68 11.50 -4.39
N TRP A 36 3.02 10.37 -4.26
CA TRP A 36 3.41 9.14 -4.95
C TRP A 36 2.22 8.51 -5.63
N GLU A 37 2.45 7.43 -6.34
CA GLU A 37 1.40 6.72 -7.05
C GLU A 37 1.06 5.43 -6.34
N CYS A 38 0.52 5.55 -5.15
CA CYS A 38 -0.04 4.43 -4.39
C CYS A 38 -0.78 3.46 -5.28
N ARG A 39 -0.08 2.42 -5.70
CA ARG A 39 -0.59 1.48 -6.70
C ARG A 39 -0.90 0.12 -6.11
N TYR A 40 -1.95 0.07 -5.30
CA TYR A 40 -2.51 -1.20 -4.85
C TYR A 40 -3.91 -1.37 -5.41
N SER A 41 -4.01 -1.26 -6.72
CA SER A 41 -5.30 -1.22 -7.41
C SER A 41 -5.55 -2.50 -8.20
N PRO A 42 -6.79 -2.71 -8.57
CA PRO A 42 -7.32 -3.88 -9.41
C PRO A 42 -7.19 -3.69 -10.89
N LYS A 43 -8.25 -3.83 -11.67
CA LYS A 43 -8.23 -3.49 -13.10
C LYS A 43 -9.60 -3.10 -13.57
N MET A 1 -10.65 -22.37 4.79
CA MET A 1 -9.87 -21.32 5.44
C MET A 1 -9.82 -20.07 4.59
N LYS A 2 -10.09 -18.93 5.19
CA LYS A 2 -9.96 -17.66 4.50
C LYS A 2 -9.35 -16.61 5.41
N LEU A 3 -8.38 -17.03 6.20
CA LEU A 3 -7.63 -16.11 7.07
C LEU A 3 -6.15 -16.19 6.75
N LEU A 4 -5.81 -15.91 5.51
CA LEU A 4 -4.41 -15.84 5.08
C LEU A 4 -4.02 -14.41 4.75
N SER A 5 -3.29 -13.79 5.66
CA SER A 5 -2.72 -12.47 5.39
C SER A 5 -1.42 -12.60 4.63
N SER A 6 -1.00 -11.52 4.00
CA SER A 6 0.14 -11.54 3.09
C SER A 6 0.50 -10.15 2.62
N ILE A 7 1.23 -10.06 1.51
CA ILE A 7 1.49 -8.77 0.89
C ILE A 7 0.51 -8.47 -0.22
N GLU A 8 -0.63 -9.14 -0.23
CA GLU A 8 -1.68 -8.87 -1.20
C GLU A 8 -2.02 -7.40 -1.23
N GLN A 9 -2.89 -6.97 -0.33
CA GLN A 9 -3.21 -5.55 -0.20
C GLN A 9 -2.12 -4.83 0.57
N ALA A 10 -1.64 -3.74 -0.01
CA ALA A 10 -0.42 -3.02 0.38
C ALA A 10 0.17 -2.41 -0.87
N CYS A 11 0.22 -1.11 -1.01
CA CYS A 11 0.50 -0.47 -2.29
C CYS A 11 1.87 -0.80 -2.82
N ASP A 12 2.18 -0.31 -4.02
CA ASP A 12 3.47 -0.54 -4.67
C ASP A 12 4.60 0.02 -3.83
N ILE A 13 4.42 1.24 -3.36
CA ILE A 13 5.48 1.99 -2.69
C ILE A 13 5.96 1.31 -1.42
N CYS A 14 5.11 0.51 -0.82
CA CYS A 14 5.45 -0.26 0.36
C CYS A 14 6.27 -1.47 -0.01
N ARG A 15 5.96 -2.04 -1.17
CA ARG A 15 6.79 -3.10 -1.74
C ARG A 15 8.25 -2.71 -1.78
N LEU A 16 8.55 -1.69 -2.57
CA LEU A 16 9.90 -1.30 -2.94
C LEU A 16 10.64 -0.78 -1.72
N LYS A 17 9.97 0.10 -1.00
CA LYS A 17 10.60 0.82 0.12
C LYS A 17 10.71 -0.04 1.34
N LYS A 18 9.91 -1.09 1.39
CA LYS A 18 9.76 -1.89 2.61
C LYS A 18 9.24 -0.99 3.73
N LEU A 19 7.97 -0.66 3.60
CA LEU A 19 7.29 0.32 4.45
C LEU A 19 6.08 -0.33 5.09
N LYS A 20 5.66 0.19 6.23
CA LYS A 20 4.42 -0.22 6.85
C LYS A 20 3.24 0.52 6.25
N CYS A 21 2.19 -0.19 5.93
CA CYS A 21 1.08 0.37 5.18
C CYS A 21 -0.17 0.45 6.03
N SER A 22 -0.30 1.52 6.79
CA SER A 22 -1.53 1.84 7.51
C SER A 22 -2.78 1.51 6.70
N LYS A 23 -2.69 1.59 5.40
CA LYS A 23 -3.71 1.07 4.48
C LYS A 23 -4.83 2.04 4.28
N GLU A 24 -4.73 3.09 3.50
CA GLU A 24 -5.73 4.15 3.36
C GLU A 24 -5.87 4.56 1.91
N LYS A 25 -7.01 5.15 1.59
CA LYS A 25 -7.40 5.38 0.21
C LYS A 25 -7.60 6.84 -0.11
N PRO A 26 -7.10 7.26 -1.26
CA PRO A 26 -6.27 6.43 -2.25
C PRO A 26 -4.91 6.00 -1.76
N LYS A 27 -4.11 6.91 -1.24
CA LYS A 27 -2.70 6.65 -0.90
C LYS A 27 -2.57 6.46 0.59
N CYS A 28 -1.67 5.60 1.03
CA CYS A 28 -1.36 5.52 2.46
C CYS A 28 -0.94 6.89 2.96
N ALA A 29 -0.55 6.94 4.22
CA ALA A 29 0.09 8.12 4.78
C ALA A 29 1.33 8.47 3.98
N LYS A 30 2.08 7.44 3.61
CA LYS A 30 3.29 7.52 2.81
C LYS A 30 3.16 8.36 1.55
N CYS A 31 2.48 7.81 0.56
CA CYS A 31 2.43 8.40 -0.77
C CYS A 31 1.85 9.80 -0.73
N LEU A 32 0.86 9.99 0.13
CA LEU A 32 0.23 11.31 0.26
C LEU A 32 1.27 12.32 0.72
N LYS A 33 2.13 11.88 1.62
CA LYS A 33 3.15 12.76 2.19
C LYS A 33 4.14 13.18 1.11
N ASN A 34 4.34 12.29 0.16
CA ASN A 34 5.41 12.40 -0.83
C ASN A 34 4.92 12.62 -2.23
N ASN A 35 3.62 12.76 -2.42
CA ASN A 35 3.05 12.79 -3.77
C ASN A 35 3.59 11.64 -4.60
N TRP A 36 3.05 10.46 -4.35
CA TRP A 36 3.49 9.22 -5.00
C TRP A 36 2.31 8.55 -5.67
N GLU A 37 2.58 7.49 -6.42
CA GLU A 37 1.54 6.79 -7.16
C GLU A 37 1.17 5.50 -6.47
N CYS A 38 0.63 5.64 -5.27
CA CYS A 38 0.05 4.52 -4.54
C CYS A 38 -0.77 3.61 -5.43
N ARG A 39 -0.14 2.55 -5.91
CA ARG A 39 -0.83 1.54 -6.70
C ARG A 39 -1.20 0.32 -5.90
N TYR A 40 -2.51 0.15 -5.70
CA TYR A 40 -3.07 -1.02 -5.02
C TYR A 40 -3.53 -2.05 -6.03
N SER A 41 -3.95 -1.59 -7.19
CA SER A 41 -4.50 -2.44 -8.23
C SER A 41 -5.69 -3.23 -7.73
N PRO A 42 -6.75 -2.53 -7.38
CA PRO A 42 -8.09 -3.09 -6.92
C PRO A 42 -8.78 -3.95 -7.95
N LYS A 43 -9.04 -3.38 -9.11
CA LYS A 43 -9.53 -4.13 -10.26
C LYS A 43 -9.70 -3.24 -11.47
N MET A 1 -10.19 -16.67 14.55
CA MET A 1 -9.69 -15.64 15.44
C MET A 1 -8.25 -15.31 15.14
N LYS A 2 -7.92 -14.03 15.15
CA LYS A 2 -6.58 -13.58 14.83
C LYS A 2 -6.21 -13.90 13.39
N LEU A 3 -6.44 -12.94 12.51
CA LEU A 3 -6.00 -13.02 11.12
C LEU A 3 -6.80 -14.03 10.33
N LEU A 4 -7.24 -13.63 9.15
CA LEU A 4 -8.10 -14.46 8.32
C LEU A 4 -7.39 -14.85 7.03
N SER A 5 -7.00 -16.11 6.93
CA SER A 5 -6.21 -16.57 5.79
C SER A 5 -4.92 -15.78 5.66
N SER A 6 -4.16 -16.08 4.63
CA SER A 6 -2.82 -15.51 4.47
C SER A 6 -2.72 -14.71 3.18
N ILE A 7 -2.79 -13.41 3.30
CA ILE A 7 -2.86 -12.47 2.17
C ILE A 7 -3.51 -11.19 2.63
N GLU A 8 -3.01 -10.04 2.21
CA GLU A 8 -3.46 -8.76 2.74
C GLU A 8 -2.99 -7.61 1.87
N GLN A 9 -3.92 -6.79 1.44
CA GLN A 9 -3.65 -5.68 0.53
C GLN A 9 -2.46 -4.87 0.96
N ALA A 10 -1.81 -4.22 0.01
CA ALA A 10 -0.74 -3.26 0.31
C ALA A 10 -0.22 -2.66 -0.98
N CYS A 11 0.07 -1.37 -1.02
CA CYS A 11 0.39 -0.69 -2.26
C CYS A 11 1.78 -1.02 -2.76
N ASP A 12 2.09 -0.55 -3.95
CA ASP A 12 3.38 -0.82 -4.60
C ASP A 12 4.52 -0.11 -3.91
N ILE A 13 4.27 1.08 -3.40
CA ILE A 13 5.31 1.91 -2.79
C ILE A 13 5.88 1.30 -1.53
N CYS A 14 5.05 0.58 -0.80
CA CYS A 14 5.47 -0.05 0.45
C CYS A 14 6.25 -1.32 0.16
N ARG A 15 5.88 -1.99 -0.92
CA ARG A 15 6.68 -3.11 -1.42
C ARG A 15 8.14 -2.73 -1.56
N LEU A 16 8.41 -1.78 -2.45
CA LEU A 16 9.75 -1.43 -2.89
C LEU A 16 10.55 -0.87 -1.75
N LYS A 17 9.98 0.14 -1.09
CA LYS A 17 10.70 0.88 -0.06
C LYS A 17 10.81 0.07 1.22
N LYS A 18 9.95 -0.92 1.35
CA LYS A 18 9.82 -1.67 2.60
C LYS A 18 9.43 -0.71 3.72
N LEU A 19 8.20 -0.27 3.65
CA LEU A 19 7.65 0.77 4.51
C LEU A 19 6.45 0.24 5.28
N LYS A 20 5.85 1.12 6.07
CA LYS A 20 4.59 0.83 6.73
C LYS A 20 3.41 1.20 5.87
N CYS A 21 2.32 0.45 5.98
CA CYS A 21 1.15 0.65 5.13
C CYS A 21 -0.14 0.58 5.92
N SER A 22 -0.40 1.58 6.74
CA SER A 22 -1.69 1.75 7.41
C SER A 22 -2.88 1.41 6.52
N LYS A 23 -2.72 1.50 5.21
CA LYS A 23 -3.68 1.01 4.24
C LYS A 23 -4.77 1.99 3.89
N GLU A 24 -4.72 3.21 4.39
CA GLU A 24 -5.63 4.26 3.95
C GLU A 24 -5.73 4.30 2.44
N LYS A 25 -6.82 4.87 1.96
CA LYS A 25 -7.18 4.80 0.54
C LYS A 25 -7.68 6.12 0.01
N PRO A 26 -7.38 6.41 -1.24
CA PRO A 26 -6.50 5.59 -2.17
C PRO A 26 -5.04 5.50 -1.79
N LYS A 27 -4.42 6.61 -1.47
CA LYS A 27 -3.00 6.65 -1.11
C LYS A 27 -2.84 6.57 0.40
N CYS A 28 -1.96 5.69 0.86
CA CYS A 28 -1.64 5.64 2.28
C CYS A 28 -1.17 6.99 2.76
N ALA A 29 -0.77 7.05 4.02
CA ALA A 29 -0.11 8.22 4.58
C ALA A 29 1.20 8.46 3.86
N LYS A 30 1.91 7.37 3.59
CA LYS A 30 3.15 7.36 2.83
C LYS A 30 3.13 8.21 1.58
N CYS A 31 2.42 7.71 0.58
CA CYS A 31 2.45 8.30 -0.76
C CYS A 31 2.00 9.75 -0.71
N LEU A 32 0.96 10.00 0.04
CA LEU A 32 0.38 11.35 0.12
C LEU A 32 1.43 12.32 0.64
N LYS A 33 2.27 11.81 1.54
CA LYS A 33 3.25 12.65 2.23
C LYS A 33 4.44 12.98 1.35
N ASN A 34 4.70 12.10 0.41
CA ASN A 34 5.81 12.27 -0.54
C ASN A 34 5.34 12.49 -1.95
N ASN A 35 4.04 12.69 -2.14
CA ASN A 35 3.46 12.74 -3.47
C ASN A 35 3.93 11.59 -4.33
N TRP A 36 3.28 10.46 -4.19
CA TRP A 36 3.63 9.23 -4.90
C TRP A 36 2.42 8.64 -5.59
N GLU A 37 2.60 7.57 -6.33
CA GLU A 37 1.51 6.96 -7.09
C GLU A 37 1.12 5.63 -6.46
N CYS A 38 0.58 5.71 -5.26
CA CYS A 38 0.03 4.56 -4.54
C CYS A 38 -0.70 3.63 -5.48
N ARG A 39 -0.06 2.51 -5.78
CA ARG A 39 -0.62 1.48 -6.65
C ARG A 39 -1.25 0.36 -5.87
N TYR A 40 -2.56 0.46 -5.66
CA TYR A 40 -3.36 -0.63 -5.13
C TYR A 40 -4.08 -1.37 -6.24
N SER A 41 -3.67 -1.14 -7.47
CA SER A 41 -4.41 -1.64 -8.63
C SER A 41 -4.14 -3.10 -8.87
N PRO A 42 -5.16 -3.80 -9.35
CA PRO A 42 -5.13 -5.28 -9.73
C PRO A 42 -4.56 -5.61 -11.10
N LYS A 43 -4.49 -4.62 -11.98
CA LYS A 43 -4.03 -4.82 -13.35
C LYS A 43 -5.03 -5.60 -14.16
N MET A 1 5.84 -24.20 11.80
CA MET A 1 5.85 -22.92 11.10
C MET A 1 6.03 -23.12 9.62
N LYS A 2 5.09 -22.62 8.84
CA LYS A 2 5.16 -22.68 7.38
C LYS A 2 5.89 -21.48 6.83
N LEU A 3 6.44 -21.63 5.63
CA LEU A 3 7.09 -20.52 4.94
C LEU A 3 6.15 -19.79 4.01
N LEU A 4 4.85 -19.94 4.21
CA LEU A 4 3.86 -19.41 3.29
C LEU A 4 2.49 -19.35 3.95
N SER A 5 1.80 -18.25 3.76
CA SER A 5 0.54 -18.00 4.46
C SER A 5 -0.17 -16.79 3.87
N SER A 6 -0.26 -16.75 2.56
CA SER A 6 -1.05 -15.76 1.85
C SER A 6 -0.34 -14.42 1.77
N ILE A 7 -1.02 -13.43 1.26
CA ILE A 7 -0.49 -12.11 0.92
C ILE A 7 -1.31 -11.51 -0.20
N GLU A 8 -1.67 -10.25 -0.14
CA GLU A 8 -2.63 -9.66 -1.08
C GLU A 8 -2.42 -8.17 -1.20
N GLN A 9 -3.18 -7.39 -0.45
CA GLN A 9 -3.22 -5.95 -0.64
C GLN A 9 -2.01 -5.25 -0.04
N ALA A 10 -2.13 -3.95 0.12
CA ALA A 10 -1.03 -3.04 0.48
C ALA A 10 -0.39 -2.56 -0.80
N CYS A 11 0.01 -1.30 -0.87
CA CYS A 11 0.38 -0.67 -2.13
C CYS A 11 1.75 -1.06 -2.65
N ASP A 12 2.03 -0.61 -3.87
CA ASP A 12 3.29 -0.92 -4.55
C ASP A 12 4.45 -0.18 -3.94
N ILE A 13 4.23 1.05 -3.50
CA ILE A 13 5.27 1.86 -2.87
C ILE A 13 5.83 1.21 -1.62
N CYS A 14 5.00 0.48 -0.90
CA CYS A 14 5.38 -0.08 0.39
C CYS A 14 6.20 -1.34 0.21
N ARG A 15 5.89 -2.13 -0.80
CA ARG A 15 6.75 -3.26 -1.16
C ARG A 15 8.17 -2.81 -1.44
N LEU A 16 8.36 -1.91 -2.38
CA LEU A 16 9.67 -1.52 -2.89
C LEU A 16 10.52 -0.94 -1.79
N LYS A 17 9.96 0.08 -1.14
CA LYS A 17 10.68 0.85 -0.13
C LYS A 17 10.80 0.10 1.18
N LYS A 18 9.92 -0.86 1.37
CA LYS A 18 9.78 -1.52 2.67
C LYS A 18 9.44 -0.48 3.73
N LEU A 19 8.21 -0.02 3.65
CA LEU A 19 7.68 1.01 4.56
C LEU A 19 6.38 0.53 5.17
N LYS A 20 5.79 1.37 6.02
CA LYS A 20 4.59 1.01 6.77
C LYS A 20 3.35 1.33 5.98
N CYS A 21 2.36 0.43 5.99
CA CYS A 21 1.19 0.60 5.13
C CYS A 21 -0.13 0.18 5.72
N SER A 22 -0.68 0.99 6.59
CA SER A 22 -2.09 0.85 6.98
C SER A 22 -3.00 0.60 5.79
N LYS A 23 -2.61 0.95 4.59
CA LYS A 23 -3.39 0.72 3.38
C LYS A 23 -4.64 1.58 3.34
N GLU A 24 -4.56 2.75 3.96
CA GLU A 24 -5.51 3.83 3.76
C GLU A 24 -5.57 4.23 2.30
N LYS A 25 -6.62 4.93 1.93
CA LYS A 25 -6.96 5.19 0.53
C LYS A 25 -7.36 6.62 0.29
N PRO A 26 -7.17 7.09 -0.93
CA PRO A 26 -6.52 6.35 -2.09
C PRO A 26 -5.05 6.02 -1.93
N LYS A 27 -4.27 6.93 -1.38
CA LYS A 27 -2.88 6.69 -1.01
C LYS A 27 -2.78 6.59 0.50
N CYS A 28 -1.91 5.75 1.00
CA CYS A 28 -1.62 5.75 2.43
C CYS A 28 -1.23 7.14 2.88
N ALA A 29 -0.92 7.27 4.15
CA ALA A 29 -0.30 8.48 4.68
C ALA A 29 0.96 8.80 3.90
N LYS A 30 1.73 7.75 3.67
CA LYS A 30 3.11 7.88 3.15
C LYS A 30 3.24 8.26 1.70
N CYS A 31 2.42 7.81 0.78
CA CYS A 31 2.44 8.33 -0.59
C CYS A 31 2.00 9.79 -0.57
N LEU A 32 1.01 10.06 0.26
CA LEU A 32 0.53 11.44 0.43
C LEU A 32 1.68 12.35 0.82
N LYS A 33 2.56 11.82 1.65
CA LYS A 33 3.63 12.62 2.24
C LYS A 33 4.66 13.00 1.20
N ASN A 34 4.85 12.12 0.23
CA ASN A 34 5.89 12.28 -0.77
C ASN A 34 5.32 12.53 -2.15
N ASN A 35 4.01 12.67 -2.27
CA ASN A 35 3.37 12.74 -3.58
C ASN A 35 3.79 11.55 -4.43
N TRP A 36 3.13 10.43 -4.22
CA TRP A 36 3.48 9.19 -4.89
C TRP A 36 2.27 8.60 -5.58
N GLU A 37 2.50 7.54 -6.35
CA GLU A 37 1.43 6.90 -7.10
C GLU A 37 1.02 5.61 -6.43
N CYS A 38 0.54 5.74 -5.21
CA CYS A 38 0.02 4.62 -4.44
C CYS A 38 -0.78 3.69 -5.34
N ARG A 39 -0.17 2.56 -5.65
CA ARG A 39 -0.81 1.49 -6.42
C ARG A 39 -1.41 0.46 -5.48
N TYR A 40 -2.42 -0.25 -5.92
CA TYR A 40 -3.19 -1.16 -5.08
C TYR A 40 -3.47 -2.47 -5.80
N SER A 41 -2.69 -2.77 -6.81
CA SER A 41 -2.91 -3.90 -7.70
C SER A 41 -4.14 -3.79 -8.56
N PRO A 42 -4.50 -2.59 -8.97
CA PRO A 42 -5.66 -2.26 -9.92
C PRO A 42 -5.53 -2.84 -11.31
N LYS A 43 -4.31 -2.98 -11.78
CA LYS A 43 -4.03 -3.38 -13.16
C LYS A 43 -4.78 -4.63 -13.54
N MET A 1 -1.03 -13.76 16.88
CA MET A 1 -0.81 -14.56 15.68
C MET A 1 -2.13 -15.04 15.11
N LYS A 2 -2.82 -14.16 14.40
CA LYS A 2 -4.02 -14.54 13.67
C LYS A 2 -3.75 -14.64 12.19
N LEU A 3 -2.75 -15.43 11.84
CA LEU A 3 -2.35 -15.61 10.44
C LEU A 3 -3.54 -15.91 9.56
N LEU A 4 -3.74 -15.09 8.55
CA LEU A 4 -4.77 -15.32 7.54
C LEU A 4 -4.21 -16.09 6.36
N SER A 5 -3.14 -15.60 5.79
CA SER A 5 -2.38 -16.31 4.77
C SER A 5 -3.09 -16.32 3.44
N SER A 6 -3.83 -15.26 3.15
CA SER A 6 -4.43 -15.09 1.82
C SER A 6 -4.24 -13.69 1.25
N ILE A 7 -3.22 -13.00 1.68
CA ILE A 7 -2.73 -11.74 1.10
C ILE A 7 -2.77 -10.68 2.18
N GLU A 8 -1.84 -9.74 2.20
CA GLU A 8 -1.91 -8.59 3.09
C GLU A 8 -1.81 -7.29 2.30
N GLN A 9 -2.95 -6.65 2.12
CA GLN A 9 -3.06 -5.47 1.27
C GLN A 9 -1.94 -4.49 1.54
N ALA A 10 -1.27 -4.06 0.48
CA ALA A 10 -0.28 -3.00 0.59
C ALA A 10 0.09 -2.50 -0.79
N CYS A 11 0.39 -1.22 -0.93
CA CYS A 11 0.56 -0.58 -2.23
C CYS A 11 1.89 -0.93 -2.86
N ASP A 12 2.11 -0.49 -4.09
CA ASP A 12 3.38 -0.71 -4.77
C ASP A 12 4.53 -0.07 -4.02
N ILE A 13 4.28 1.12 -3.47
CA ILE A 13 5.32 1.93 -2.85
C ILE A 13 5.87 1.31 -1.60
N CYS A 14 5.04 0.55 -0.90
CA CYS A 14 5.45 -0.12 0.34
C CYS A 14 6.26 -1.37 0.03
N ARG A 15 5.91 -2.03 -1.05
CA ARG A 15 6.73 -3.14 -1.56
C ARG A 15 8.18 -2.71 -1.69
N LEU A 16 8.43 -1.75 -2.55
CA LEU A 16 9.77 -1.37 -2.98
C LEU A 16 10.56 -0.79 -1.83
N LYS A 17 9.95 0.16 -1.15
CA LYS A 17 10.63 0.90 -0.09
C LYS A 17 10.75 0.09 1.18
N LYS A 18 9.92 -0.93 1.30
CA LYS A 18 9.80 -1.68 2.55
C LYS A 18 9.34 -0.73 3.66
N LEU A 19 8.09 -0.34 3.57
CA LEU A 19 7.48 0.66 4.45
C LEU A 19 6.27 0.08 5.16
N LYS A 20 5.67 0.90 6.00
CA LYS A 20 4.39 0.57 6.64
C LYS A 20 3.23 1.02 5.78
N CYS A 21 2.11 0.31 5.86
CA CYS A 21 0.94 0.62 5.05
C CYS A 21 -0.34 0.60 5.85
N SER A 22 -0.59 1.62 6.64
CA SER A 22 -1.86 1.82 7.31
C SER A 22 -3.06 1.49 6.44
N LYS A 23 -2.92 1.52 5.13
CA LYS A 23 -3.91 1.03 4.17
C LYS A 23 -4.94 2.07 3.80
N GLU A 24 -4.85 3.27 4.32
CA GLU A 24 -5.68 4.38 3.86
C GLU A 24 -5.73 4.49 2.35
N LYS A 25 -6.76 5.16 1.87
CA LYS A 25 -7.07 5.19 0.45
C LYS A 25 -7.48 6.58 -0.02
N PRO A 26 -7.18 6.90 -1.27
CA PRO A 26 -6.42 6.05 -2.28
C PRO A 26 -4.96 5.79 -1.93
N LYS A 27 -4.24 6.81 -1.50
CA LYS A 27 -2.85 6.66 -1.09
C LYS A 27 -2.76 6.49 0.42
N CYS A 28 -1.87 5.62 0.87
CA CYS A 28 -1.59 5.52 2.29
C CYS A 28 -1.10 6.85 2.83
N ALA A 29 -0.69 6.83 4.09
CA ALA A 29 -0.01 7.97 4.70
C ALA A 29 1.28 8.26 3.96
N LYS A 30 1.98 7.21 3.60
CA LYS A 30 3.21 7.27 2.83
C LYS A 30 3.15 8.14 1.60
N CYS A 31 2.46 7.66 0.58
CA CYS A 31 2.46 8.30 -0.74
C CYS A 31 1.94 9.72 -0.66
N LEU A 32 0.93 9.93 0.17
CA LEU A 32 0.36 11.27 0.33
C LEU A 32 1.42 12.22 0.87
N LYS A 33 2.25 11.71 1.76
CA LYS A 33 3.30 12.52 2.38
C LYS A 33 4.33 12.93 1.35
N ASN A 34 4.50 12.07 0.36
CA ASN A 34 5.59 12.15 -0.61
C ASN A 34 5.11 12.40 -2.02
N ASN A 35 3.83 12.69 -2.19
CA ASN A 35 3.22 12.76 -3.51
C ASN A 35 3.72 11.65 -4.42
N TRP A 36 3.18 10.47 -4.23
CA TRP A 36 3.62 9.25 -4.91
C TRP A 36 2.48 8.63 -5.68
N GLU A 37 2.75 7.55 -6.38
CA GLU A 37 1.74 6.87 -7.20
C GLU A 37 1.28 5.59 -6.53
N CYS A 38 0.69 5.74 -5.36
CA CYS A 38 0.09 4.61 -4.64
C CYS A 38 -0.75 3.74 -5.56
N ARG A 39 -0.23 2.56 -5.83
CA ARG A 39 -0.98 1.48 -6.46
C ARG A 39 -1.52 0.55 -5.40
N TYR A 40 -2.67 -0.05 -5.61
CA TYR A 40 -3.21 -1.10 -4.75
C TYR A 40 -3.47 -2.38 -5.51
N SER A 41 -3.84 -2.26 -6.77
CA SER A 41 -4.34 -3.36 -7.60
C SER A 41 -5.15 -2.81 -8.76
N PRO A 42 -5.71 -3.69 -9.56
CA PRO A 42 -6.63 -3.40 -10.75
C PRO A 42 -7.60 -2.26 -10.52
N LYS A 43 -8.06 -2.13 -9.29
CA LYS A 43 -8.87 -0.98 -8.87
C LYS A 43 -9.09 -0.99 -7.38
N MET A 1 1.96 -17.30 2.53
CA MET A 1 3.28 -17.11 1.93
C MET A 1 3.26 -17.48 0.46
N LYS A 2 2.39 -16.84 -0.29
CA LYS A 2 2.33 -16.94 -1.76
C LYS A 2 1.41 -18.06 -2.19
N LEU A 3 1.41 -19.17 -1.48
CA LEU A 3 0.69 -20.36 -1.92
C LEU A 3 -0.15 -20.93 -0.80
N LEU A 4 -1.44 -20.70 -0.85
CA LEU A 4 -2.44 -21.31 0.03
C LEU A 4 -3.72 -20.50 -0.01
N SER A 5 -3.57 -19.18 0.03
CA SER A 5 -4.70 -18.27 -0.02
C SER A 5 -4.23 -16.83 -0.17
N SER A 6 -3.72 -16.27 0.90
CA SER A 6 -3.13 -14.93 0.87
C SER A 6 -4.20 -13.87 0.69
N ILE A 7 -3.86 -12.64 1.02
CA ILE A 7 -4.88 -11.57 1.06
C ILE A 7 -4.41 -10.24 1.63
N GLU A 8 -3.28 -10.25 2.30
CA GLU A 8 -2.61 -9.05 2.77
C GLU A 8 -2.47 -8.02 1.67
N GLN A 9 -3.45 -7.13 1.62
CA GLN A 9 -3.41 -5.99 0.70
C GLN A 9 -2.34 -5.01 1.10
N ALA A 10 -1.72 -4.39 0.13
CA ALA A 10 -0.77 -3.31 0.37
C ALA A 10 -0.26 -2.74 -0.93
N CYS A 11 0.05 -1.46 -0.98
CA CYS A 11 0.37 -0.78 -2.23
C CYS A 11 1.75 -1.13 -2.74
N ASP A 12 2.03 -0.70 -3.96
CA ASP A 12 3.34 -0.94 -4.58
C ASP A 12 4.42 -0.27 -3.75
N ILE A 13 4.26 1.01 -3.48
CA ILE A 13 5.29 1.83 -2.84
C ILE A 13 5.82 1.25 -1.54
N CYS A 14 5.00 0.49 -0.85
CA CYS A 14 5.39 -0.12 0.42
C CYS A 14 6.22 -1.35 0.20
N ARG A 15 5.89 -2.10 -0.83
CA ARG A 15 6.72 -3.24 -1.25
C ARG A 15 8.17 -2.82 -1.44
N LEU A 16 8.41 -1.95 -2.40
CA LEU A 16 9.72 -1.58 -2.90
C LEU A 16 10.47 -0.81 -1.85
N LYS A 17 9.79 0.16 -1.26
CA LYS A 17 10.41 1.10 -0.32
C LYS A 17 10.63 0.45 1.03
N LYS A 18 9.95 -0.66 1.26
CA LYS A 18 10.01 -1.32 2.56
C LYS A 18 9.57 -0.37 3.65
N LEU A 19 8.27 -0.10 3.65
CA LEU A 19 7.65 0.80 4.61
C LEU A 19 6.39 0.20 5.19
N LYS A 20 5.74 0.95 6.06
CA LYS A 20 4.49 0.53 6.68
C LYS A 20 3.30 0.95 5.84
N CYS A 21 2.23 0.19 5.89
CA CYS A 21 1.05 0.48 5.07
C CYS A 21 -0.23 0.42 5.88
N SER A 22 -0.45 1.39 6.74
CA SER A 22 -1.72 1.59 7.42
C SER A 22 -2.92 1.32 6.52
N LYS A 23 -2.76 1.43 5.21
CA LYS A 23 -3.73 1.00 4.22
C LYS A 23 -4.76 2.03 3.88
N GLU A 24 -4.68 3.23 4.44
CA GLU A 24 -5.52 4.35 4.01
C GLU A 24 -5.57 4.47 2.50
N LYS A 25 -6.62 5.12 2.03
CA LYS A 25 -6.94 5.16 0.61
C LYS A 25 -7.39 6.55 0.18
N PRO A 26 -7.22 6.88 -1.08
CA PRO A 26 -6.55 6.04 -2.17
C PRO A 26 -5.06 5.77 -1.98
N LYS A 27 -4.32 6.74 -1.50
CA LYS A 27 -2.92 6.58 -1.12
C LYS A 27 -2.79 6.47 0.38
N CYS A 28 -1.92 5.61 0.86
CA CYS A 28 -1.61 5.57 2.28
C CYS A 28 -1.16 6.94 2.76
N ALA A 29 -0.79 7.01 4.02
CA ALA A 29 -0.16 8.20 4.58
C ALA A 29 1.17 8.45 3.88
N LYS A 30 1.87 7.35 3.63
CA LYS A 30 3.12 7.33 2.87
C LYS A 30 3.10 8.17 1.61
N CYS A 31 2.39 7.67 0.61
CA CYS A 31 2.43 8.26 -0.73
C CYS A 31 1.99 9.71 -0.68
N LEU A 32 0.93 9.97 0.05
CA LEU A 32 0.37 11.32 0.12
C LEU A 32 1.41 12.29 0.66
N LYS A 33 2.24 11.78 1.55
CA LYS A 33 3.23 12.63 2.23
C LYS A 33 4.42 12.95 1.33
N ASN A 34 4.69 12.06 0.41
CA ASN A 34 5.80 12.20 -0.54
C ASN A 34 5.30 12.42 -1.95
N ASN A 35 4.01 12.67 -2.10
CA ASN A 35 3.38 12.73 -3.42
C ASN A 35 3.85 11.60 -4.31
N TRP A 36 3.24 10.44 -4.16
CA TRP A 36 3.62 9.22 -4.87
C TRP A 36 2.41 8.66 -5.60
N GLU A 37 2.62 7.61 -6.37
CA GLU A 37 1.53 6.98 -7.13
C GLU A 37 1.17 5.64 -6.51
N CYS A 38 0.70 5.69 -5.28
CA CYS A 38 0.15 4.53 -4.59
C CYS A 38 -0.64 3.65 -5.53
N ARG A 39 -0.08 2.48 -5.79
CA ARG A 39 -0.79 1.42 -6.52
C ARG A 39 -1.42 0.46 -5.53
N TYR A 40 -2.53 -0.13 -5.92
CA TYR A 40 -3.24 -1.14 -5.12
C TYR A 40 -3.77 -2.23 -6.01
N SER A 41 -4.26 -3.31 -5.43
CA SER A 41 -5.01 -4.32 -6.19
C SER A 41 -6.09 -3.66 -7.01
N PRO A 42 -6.72 -4.43 -7.89
CA PRO A 42 -7.81 -3.99 -8.87
C PRO A 42 -8.84 -3.05 -8.30
N LYS A 43 -9.82 -3.58 -7.60
CA LYS A 43 -10.94 -2.77 -7.12
C LYS A 43 -11.44 -3.28 -5.78
N MET A 1 -10.94 -18.11 -2.11
CA MET A 1 -10.19 -16.93 -1.70
C MET A 1 -10.76 -15.69 -2.34
N LYS A 2 -10.89 -15.69 -3.66
CA LYS A 2 -11.49 -14.60 -4.41
C LYS A 2 -10.99 -13.23 -3.98
N LEU A 3 -9.73 -13.14 -3.57
CA LEU A 3 -9.10 -11.85 -3.30
C LEU A 3 -7.60 -11.92 -3.48
N LEU A 4 -7.15 -12.60 -4.50
CA LEU A 4 -5.75 -12.96 -4.76
C LEU A 4 -5.47 -14.36 -4.23
N SER A 5 -5.15 -14.48 -2.96
CA SER A 5 -4.79 -15.77 -2.37
C SER A 5 -4.55 -15.63 -0.88
N SER A 6 -3.41 -15.07 -0.50
CA SER A 6 -3.07 -14.94 0.92
C SER A 6 -1.72 -14.28 1.12
N ILE A 7 -1.73 -13.10 1.71
CA ILE A 7 -0.52 -12.44 2.17
C ILE A 7 -0.89 -11.23 3.04
N GLU A 8 -1.24 -10.17 2.35
CA GLU A 8 -1.82 -8.96 2.94
C GLU A 8 -1.74 -7.80 1.96
N GLN A 9 -2.88 -7.38 1.45
CA GLN A 9 -2.93 -6.31 0.46
C GLN A 9 -2.16 -5.10 0.94
N ALA A 10 -1.67 -4.32 0.00
CA ALA A 10 -0.75 -3.21 0.29
C ALA A 10 -0.21 -2.64 -0.99
N CYS A 11 0.05 -1.35 -1.04
CA CYS A 11 0.38 -0.66 -2.28
C CYS A 11 1.77 -1.00 -2.79
N ASP A 12 2.06 -0.54 -3.99
CA ASP A 12 3.35 -0.80 -4.64
C ASP A 12 4.47 -0.09 -3.93
N ILE A 13 4.24 1.16 -3.53
CA ILE A 13 5.27 1.98 -2.90
C ILE A 13 5.80 1.38 -1.62
N CYS A 14 4.98 0.60 -0.94
CA CYS A 14 5.38 -0.05 0.31
C CYS A 14 6.23 -1.26 0.01
N ARG A 15 5.94 -1.91 -1.10
CA ARG A 15 6.79 -2.97 -1.62
C ARG A 15 8.24 -2.52 -1.69
N LEU A 16 8.49 -1.53 -2.52
CA LEU A 16 9.83 -1.10 -2.91
C LEU A 16 10.58 -0.55 -1.73
N LYS A 17 9.95 0.40 -1.05
CA LYS A 17 10.60 1.13 0.03
C LYS A 17 10.69 0.31 1.28
N LYS A 18 9.88 -0.73 1.36
CA LYS A 18 9.74 -1.51 2.59
C LYS A 18 9.26 -0.58 3.70
N LEU A 19 7.99 -0.25 3.61
CA LEU A 19 7.32 0.64 4.55
C LEU A 19 6.14 -0.08 5.18
N LYS A 20 5.61 0.49 6.25
CA LYS A 20 4.38 0.00 6.86
C LYS A 20 3.18 0.66 6.21
N CYS A 21 2.16 -0.14 5.92
CA CYS A 21 1.04 0.31 5.11
C CYS A 21 -0.27 0.24 5.88
N SER A 22 -0.53 1.22 6.72
CA SER A 22 -1.84 1.40 7.35
C SER A 22 -2.98 1.14 6.39
N LYS A 23 -2.78 1.38 5.10
CA LYS A 23 -3.68 0.98 4.03
C LYS A 23 -4.76 2.00 3.73
N GLU A 24 -4.72 3.18 4.32
CA GLU A 24 -5.60 4.26 3.92
C GLU A 24 -5.63 4.40 2.41
N LYS A 25 -6.71 4.98 1.92
CA LYS A 25 -7.01 4.98 0.48
C LYS A 25 -7.52 6.31 0.01
N PRO A 26 -7.21 6.66 -1.23
CA PRO A 26 -6.34 5.87 -2.21
C PRO A 26 -4.88 5.73 -1.83
N LYS A 27 -4.26 6.79 -1.36
CA LYS A 27 -2.86 6.78 -0.95
C LYS A 27 -2.74 6.73 0.55
N CYS A 28 -1.88 5.84 1.03
CA CYS A 28 -1.58 5.78 2.46
C CYS A 28 -1.10 7.13 2.95
N ALA A 29 -0.71 7.17 4.21
CA ALA A 29 -0.04 8.34 4.77
C ALA A 29 1.23 8.63 3.99
N LYS A 30 1.97 7.58 3.69
CA LYS A 30 3.24 7.65 2.97
C LYS A 30 3.22 8.39 1.64
N CYS A 31 2.53 7.82 0.67
CA CYS A 31 2.51 8.38 -0.68
C CYS A 31 2.02 9.80 -0.65
N LEU A 32 1.04 10.07 0.20
CA LEU A 32 0.49 11.43 0.31
C LEU A 32 1.58 12.40 0.72
N LYS A 33 2.45 11.94 1.61
CA LYS A 33 3.51 12.78 2.15
C LYS A 33 4.54 13.09 1.08
N ASN A 34 4.70 12.16 0.17
CA ASN A 34 5.78 12.17 -0.83
C ASN A 34 5.26 12.43 -2.23
N ASN A 35 3.97 12.64 -2.37
CA ASN A 35 3.36 12.72 -3.70
C ASN A 35 3.80 11.57 -4.58
N TRP A 36 3.21 10.42 -4.34
CA TRP A 36 3.62 9.16 -4.96
C TRP A 36 2.44 8.50 -5.66
N GLU A 37 2.69 7.37 -6.29
CA GLU A 37 1.65 6.64 -7.01
C GLU A 37 1.23 5.38 -6.29
N CYS A 38 0.65 5.57 -5.10
CA CYS A 38 0.04 4.48 -4.35
C CYS A 38 -0.82 3.60 -5.23
N ARG A 39 -0.25 2.49 -5.66
CA ARG A 39 -0.97 1.53 -6.50
C ARG A 39 -1.34 0.25 -5.76
N TYR A 40 -2.58 0.18 -5.30
CA TYR A 40 -3.15 -1.05 -4.77
C TYR A 40 -3.99 -1.72 -5.85
N SER A 41 -4.61 -0.89 -6.68
CA SER A 41 -5.42 -1.36 -7.81
C SER A 41 -6.80 -1.79 -7.36
N PRO A 42 -7.74 -1.70 -8.27
CA PRO A 42 -9.23 -2.01 -8.05
C PRO A 42 -9.56 -3.49 -7.95
N LYS A 43 -8.82 -4.30 -8.67
CA LYS A 43 -9.08 -5.74 -8.73
C LYS A 43 -8.11 -6.51 -7.87
N MET A 1 -5.16 -4.71 16.68
CA MET A 1 -3.74 -4.63 17.04
C MET A 1 -2.99 -5.84 16.54
N LYS A 2 -3.29 -7.00 17.12
CA LYS A 2 -2.76 -8.26 16.62
C LYS A 2 -3.58 -8.80 15.47
N LEU A 3 -4.87 -8.47 15.45
CA LEU A 3 -5.78 -9.02 14.46
C LEU A 3 -5.93 -8.11 13.25
N LEU A 4 -4.88 -7.37 12.93
CA LEU A 4 -4.83 -6.59 11.70
C LEU A 4 -3.44 -6.59 11.13
N SER A 5 -2.98 -7.76 10.72
CA SER A 5 -1.73 -7.90 9.98
C SER A 5 -1.93 -7.55 8.53
N SER A 6 -0.83 -7.32 7.82
CA SER A 6 -0.88 -7.12 6.37
C SER A 6 -1.56 -8.29 5.70
N ILE A 7 -1.92 -8.12 4.44
CA ILE A 7 -2.44 -9.20 3.60
C ILE A 7 -1.93 -9.01 2.20
N GLU A 8 -2.69 -9.46 1.20
CA GLU A 8 -2.18 -9.46 -0.18
C GLU A 8 -2.32 -8.10 -0.83
N GLN A 9 -3.32 -7.36 -0.40
CA GLN A 9 -3.41 -5.94 -0.76
C GLN A 9 -2.30 -5.18 -0.05
N ALA A 10 -1.53 -4.41 -0.79
CA ALA A 10 -0.55 -3.49 -0.17
C ALA A 10 0.12 -2.69 -1.26
N CYS A 11 0.23 -1.38 -1.13
CA CYS A 11 0.61 -0.55 -2.26
C CYS A 11 2.02 -0.81 -2.74
N ASP A 12 2.27 -0.42 -3.99
CA ASP A 12 3.55 -0.64 -4.65
C ASP A 12 4.67 0.05 -3.92
N ILE A 13 4.36 1.17 -3.29
CA ILE A 13 5.36 1.98 -2.59
C ILE A 13 5.88 1.33 -1.33
N CYS A 14 5.01 0.57 -0.67
CA CYS A 14 5.31 0.00 0.63
C CYS A 14 6.11 -1.28 0.50
N ARG A 15 5.78 -2.09 -0.49
CA ARG A 15 6.59 -3.27 -0.81
C ARG A 15 7.97 -2.96 -1.36
N LEU A 16 8.02 -2.24 -2.47
CA LEU A 16 9.26 -1.74 -3.07
C LEU A 16 10.13 -1.09 -2.02
N LYS A 17 9.56 -0.10 -1.34
CA LYS A 17 10.31 0.68 -0.35
C LYS A 17 10.44 -0.08 0.95
N LYS A 18 9.72 -1.18 1.07
CA LYS A 18 9.81 -2.00 2.29
C LYS A 18 9.45 -1.22 3.54
N LEU A 19 8.59 -0.23 3.33
CA LEU A 19 8.01 0.58 4.40
C LEU A 19 6.64 0.06 4.79
N LYS A 20 6.08 0.66 5.83
CA LYS A 20 4.84 0.19 6.43
C LYS A 20 3.63 0.82 5.78
N CYS A 21 2.53 0.09 5.70
CA CYS A 21 1.37 0.51 4.93
C CYS A 21 0.10 0.57 5.76
N SER A 22 -0.23 1.72 6.28
CA SER A 22 -1.54 2.00 6.88
C SER A 22 -2.73 1.61 6.03
N LYS A 23 -2.56 1.41 4.73
CA LYS A 23 -3.63 1.06 3.80
C LYS A 23 -4.74 2.07 3.57
N GLU A 24 -4.80 3.19 4.26
CA GLU A 24 -5.73 4.25 3.89
C GLU A 24 -5.75 4.47 2.39
N LYS A 25 -6.81 5.10 1.93
CA LYS A 25 -7.11 5.17 0.49
C LYS A 25 -7.54 6.55 0.06
N PRO A 26 -7.24 6.89 -1.17
CA PRO A 26 -6.46 6.06 -2.20
C PRO A 26 -5.00 5.84 -1.87
N LYS A 27 -4.30 6.85 -1.42
CA LYS A 27 -2.90 6.74 -0.98
C LYS A 27 -2.86 6.67 0.54
N CYS A 28 -2.00 5.81 1.06
CA CYS A 28 -1.76 5.82 2.51
C CYS A 28 -1.38 7.20 2.96
N ALA A 29 -1.14 7.33 4.25
CA ALA A 29 -0.58 8.55 4.82
C ALA A 29 0.67 8.93 4.05
N LYS A 30 1.51 7.93 3.83
CA LYS A 30 2.86 8.17 3.30
C LYS A 30 2.94 8.63 1.87
N CYS A 31 2.30 7.97 0.92
CA CYS A 31 2.36 8.42 -0.47
C CYS A 31 1.87 9.85 -0.56
N LEU A 32 0.84 10.14 0.20
CA LEU A 32 0.28 11.50 0.21
C LEU A 32 1.31 12.50 0.68
N LYS A 33 2.12 12.10 1.63
CA LYS A 33 3.13 12.99 2.21
C LYS A 33 4.25 13.26 1.21
N ASN A 34 4.48 12.28 0.35
CA ASN A 34 5.60 12.25 -0.58
C ASN A 34 5.16 12.50 -2.00
N ASN A 35 3.88 12.65 -2.23
CA ASN A 35 3.32 12.68 -3.58
C ASN A 35 3.83 11.50 -4.39
N TRP A 36 3.26 10.35 -4.14
CA TRP A 36 3.71 9.07 -4.70
C TRP A 36 2.58 8.40 -5.46
N GLU A 37 2.86 7.26 -6.06
CA GLU A 37 1.86 6.55 -6.86
C GLU A 37 1.36 5.31 -6.16
N CYS A 38 0.70 5.52 -5.04
CA CYS A 38 0.06 4.43 -4.30
C CYS A 38 -0.81 3.58 -5.19
N ARG A 39 -0.26 2.47 -5.65
CA ARG A 39 -0.99 1.46 -6.42
C ARG A 39 -1.26 0.18 -5.65
N TYR A 40 -2.51 -0.02 -5.28
CA TYR A 40 -2.94 -1.24 -4.60
C TYR A 40 -3.51 -2.23 -5.60
N SER A 41 -4.18 -1.72 -6.61
CA SER A 41 -4.85 -2.54 -7.63
C SER A 41 -5.87 -1.71 -8.37
N PRO A 42 -6.72 -1.03 -7.63
CA PRO A 42 -7.82 -0.09 -8.12
C PRO A 42 -7.34 1.03 -9.02
N LYS A 43 -6.60 1.97 -8.47
CA LYS A 43 -6.22 3.18 -9.19
C LYS A 43 -5.07 3.88 -8.51
N MET A 1 -12.90 -18.16 5.85
CA MET A 1 -13.98 -18.90 6.52
C MET A 1 -15.33 -18.33 6.14
N LYS A 2 -15.66 -17.18 6.71
CA LYS A 2 -16.94 -16.53 6.46
C LYS A 2 -16.74 -15.29 5.62
N LEU A 3 -15.73 -15.32 4.76
CA LEU A 3 -15.33 -14.17 3.99
C LEU A 3 -14.92 -14.56 2.58
N LEU A 4 -14.73 -13.57 1.73
CA LEU A 4 -14.30 -13.82 0.36
C LEU A 4 -12.92 -14.44 0.33
N SER A 5 -12.30 -14.44 -0.84
CA SER A 5 -10.92 -14.90 -0.98
C SER A 5 -10.03 -14.23 0.05
N SER A 6 -9.69 -12.98 -0.20
CA SER A 6 -8.91 -12.17 0.73
C SER A 6 -8.57 -10.83 0.13
N ILE A 7 -7.60 -10.14 0.71
CA ILE A 7 -7.08 -8.91 0.13
C ILE A 7 -5.94 -8.36 0.94
N GLU A 8 -4.70 -8.63 0.56
CA GLU A 8 -3.55 -7.92 1.13
C GLU A 8 -3.04 -6.89 0.15
N GLN A 9 -3.72 -5.76 0.10
CA GLN A 9 -3.49 -4.74 -0.94
C GLN A 9 -2.41 -3.73 -0.61
N ALA A 10 -1.38 -4.22 0.05
CA ALA A 10 -0.14 -3.49 0.28
C ALA A 10 0.27 -2.76 -0.98
N CYS A 11 0.13 -1.45 -1.06
CA CYS A 11 0.47 -0.70 -2.26
C CYS A 11 1.88 -0.97 -2.73
N ASP A 12 2.20 -0.48 -3.92
CA ASP A 12 3.48 -0.76 -4.57
C ASP A 12 4.64 -0.02 -3.93
N ILE A 13 4.39 1.13 -3.35
CA ILE A 13 5.45 1.91 -2.69
C ILE A 13 5.89 1.33 -1.37
N CYS A 14 5.04 0.53 -0.74
CA CYS A 14 5.40 -0.14 0.50
C CYS A 14 6.26 -1.34 0.22
N ARG A 15 5.98 -2.04 -0.85
CA ARG A 15 6.86 -3.11 -1.35
C ARG A 15 8.28 -2.62 -1.55
N LEU A 16 8.44 -1.66 -2.44
CA LEU A 16 9.74 -1.20 -2.94
C LEU A 16 10.51 -0.49 -1.86
N LYS A 17 9.79 0.35 -1.12
CA LYS A 17 10.39 1.17 -0.07
C LYS A 17 10.65 0.38 1.19
N LYS A 18 9.91 -0.71 1.36
CA LYS A 18 9.91 -1.46 2.62
C LYS A 18 9.50 -0.57 3.77
N LEU A 19 8.20 -0.28 3.80
CA LEU A 19 7.56 0.42 4.91
C LEU A 19 6.36 -0.38 5.39
N LYS A 20 5.64 0.21 6.34
CA LYS A 20 4.34 -0.31 6.77
C LYS A 20 3.22 0.30 5.95
N CYS A 21 2.12 -0.41 5.83
CA CYS A 21 0.98 0.07 5.03
C CYS A 21 -0.30 0.08 5.83
N SER A 22 -0.50 1.10 6.64
CA SER A 22 -1.78 1.36 7.30
C SER A 22 -2.97 1.10 6.41
N LYS A 23 -2.84 1.38 5.13
CA LYS A 23 -3.81 0.98 4.11
C LYS A 23 -4.93 1.97 4.01
N GLU A 24 -4.79 3.13 3.41
CA GLU A 24 -5.79 4.20 3.36
C GLU A 24 -5.94 4.71 1.94
N LYS A 25 -6.97 5.49 1.68
CA LYS A 25 -7.35 5.82 0.31
C LYS A 25 -7.45 7.31 0.08
N PRO A 26 -6.98 7.75 -1.07
CA PRO A 26 -6.29 6.92 -2.16
C PRO A 26 -4.94 6.33 -1.79
N LYS A 27 -4.06 7.13 -1.23
CA LYS A 27 -2.70 6.72 -0.89
C LYS A 27 -2.59 6.51 0.60
N CYS A 28 -1.71 5.63 1.05
CA CYS A 28 -1.39 5.55 2.47
C CYS A 28 -0.99 6.92 2.97
N ALA A 29 -0.59 6.98 4.23
CA ALA A 29 0.05 8.18 4.77
C ALA A 29 1.30 8.49 3.98
N LYS A 30 2.05 7.45 3.67
CA LYS A 30 3.28 7.53 2.89
C LYS A 30 3.18 8.33 1.61
N CYS A 31 2.50 7.77 0.63
CA CYS A 31 2.47 8.33 -0.73
C CYS A 31 1.89 9.73 -0.70
N LEU A 32 0.87 9.93 0.10
CA LEU A 32 0.25 11.25 0.22
C LEU A 32 1.31 12.28 0.62
N LYS A 33 2.17 11.86 1.53
CA LYS A 33 3.17 12.76 2.10
C LYS A 33 4.23 13.10 1.07
N ASN A 34 4.48 12.17 0.17
CA ASN A 34 5.55 12.28 -0.81
C ASN A 34 5.02 12.25 -2.23
N ASN A 35 3.78 12.64 -2.45
CA ASN A 35 3.20 12.78 -3.80
C ASN A 35 3.62 11.64 -4.71
N TRP A 36 3.15 10.45 -4.36
CA TRP A 36 3.56 9.19 -4.98
C TRP A 36 2.36 8.51 -5.61
N GLU A 37 2.59 7.42 -6.33
CA GLU A 37 1.54 6.75 -7.08
C GLU A 37 1.17 5.44 -6.41
N CYS A 38 0.60 5.54 -5.22
CA CYS A 38 0.03 4.42 -4.50
C CYS A 38 -0.74 3.49 -5.43
N ARG A 39 -0.08 2.42 -5.83
CA ARG A 39 -0.70 1.38 -6.66
C ARG A 39 -1.19 0.22 -5.83
N TYR A 40 -2.51 0.15 -5.67
CA TYR A 40 -3.18 -0.79 -4.77
C TYR A 40 -3.69 -1.99 -5.53
N SER A 41 -2.87 -2.56 -6.38
CA SER A 41 -3.29 -3.68 -7.22
C SER A 41 -3.84 -4.80 -6.37
N PRO A 42 -4.93 -5.39 -6.81
CA PRO A 42 -5.71 -6.50 -6.08
C PRO A 42 -4.86 -7.68 -5.65
N LYS A 43 -4.29 -8.37 -6.62
CA LYS A 43 -3.46 -9.55 -6.34
C LYS A 43 -2.45 -9.76 -7.43
N MET A 1 5.18 -26.12 1.02
CA MET A 1 3.86 -26.59 0.61
C MET A 1 2.76 -25.76 1.25
N LYS A 2 2.83 -25.62 2.55
CA LYS A 2 1.92 -24.74 3.29
C LYS A 2 2.50 -23.35 3.40
N LEU A 3 1.93 -22.42 2.67
CA LEU A 3 2.43 -21.04 2.63
C LEU A 3 1.32 -20.08 2.29
N LEU A 4 0.23 -20.13 3.04
CA LEU A 4 -0.92 -19.27 2.81
C LEU A 4 -1.08 -18.29 3.96
N SER A 5 -2.29 -18.05 4.42
CA SER A 5 -2.57 -17.27 5.63
C SER A 5 -2.89 -15.84 5.28
N SER A 6 -1.90 -15.11 4.81
CA SER A 6 -2.04 -13.67 4.59
C SER A 6 -1.35 -13.26 3.30
N ILE A 7 -2.14 -12.88 2.31
CA ILE A 7 -1.60 -12.35 1.06
C ILE A 7 -2.59 -11.45 0.37
N GLU A 8 -2.82 -10.28 0.95
CA GLU A 8 -3.85 -9.36 0.45
C GLU A 8 -3.24 -8.04 0.06
N GLN A 9 -3.82 -6.93 0.49
CA GLN A 9 -3.43 -5.60 0.01
C GLN A 9 -2.09 -5.14 0.51
N ALA A 10 -1.80 -3.87 0.30
CA ALA A 10 -0.52 -3.19 0.52
C ALA A 10 -0.05 -2.61 -0.80
N CYS A 11 0.18 -1.32 -0.93
CA CYS A 11 0.44 -0.70 -2.24
C CYS A 11 1.81 -1.08 -2.74
N ASP A 12 2.10 -0.68 -3.97
CA ASP A 12 3.40 -0.96 -4.58
C ASP A 12 4.50 -0.24 -3.85
N ILE A 13 4.31 1.04 -3.60
CA ILE A 13 5.30 1.90 -2.95
C ILE A 13 5.87 1.29 -1.69
N CYS A 14 5.03 0.58 -0.95
CA CYS A 14 5.44 0.00 0.32
C CYS A 14 6.29 -1.24 0.07
N ARG A 15 5.96 -1.96 -0.98
CA ARG A 15 6.79 -3.08 -1.43
C ARG A 15 8.24 -2.67 -1.59
N LEU A 16 8.49 -1.69 -2.43
CA LEU A 16 9.82 -1.33 -2.90
C LEU A 16 10.64 -0.74 -1.79
N LYS A 17 10.03 0.20 -1.08
CA LYS A 17 10.73 0.99 -0.07
C LYS A 17 10.93 0.20 1.21
N LYS A 18 10.16 -0.86 1.36
CA LYS A 18 10.12 -1.61 2.62
C LYS A 18 9.57 -0.70 3.72
N LEU A 19 8.27 -0.51 3.67
CA LEU A 19 7.54 0.40 4.54
C LEU A 19 6.35 -0.31 5.15
N LYS A 20 5.74 0.33 6.14
CA LYS A 20 4.47 -0.12 6.68
C LYS A 20 3.32 0.51 5.92
N CYS A 21 2.15 -0.11 5.94
CA CYS A 21 1.02 0.35 5.13
C CYS A 21 -0.30 0.28 5.85
N SER A 22 -0.58 1.22 6.72
CA SER A 22 -1.92 1.41 7.30
C SER A 22 -3.04 1.18 6.30
N LYS A 23 -2.79 1.38 5.02
CA LYS A 23 -3.68 0.99 3.93
C LYS A 23 -4.76 2.01 3.63
N GLU A 24 -4.77 3.16 4.27
CA GLU A 24 -5.66 4.25 3.89
C GLU A 24 -5.66 4.48 2.39
N LYS A 25 -6.71 5.13 1.92
CA LYS A 25 -6.97 5.26 0.49
C LYS A 25 -7.44 6.65 0.12
N PRO A 26 -7.20 7.05 -1.11
CA PRO A 26 -6.44 6.29 -2.20
C PRO A 26 -4.98 6.04 -1.92
N LYS A 27 -4.28 7.01 -1.36
CA LYS A 27 -2.89 6.85 -0.93
C LYS A 27 -2.82 6.75 0.57
N CYS A 28 -1.98 5.87 1.08
CA CYS A 28 -1.70 5.83 2.50
C CYS A 28 -1.25 7.20 2.97
N ALA A 29 -0.91 7.27 4.25
CA ALA A 29 -0.27 8.47 4.81
C ALA A 29 0.95 8.82 3.97
N LYS A 30 1.75 7.82 3.69
CA LYS A 30 3.07 8.01 3.10
C LYS A 30 3.11 8.52 1.68
N CYS A 31 2.40 7.91 0.75
CA CYS A 31 2.39 8.40 -0.64
C CYS A 31 1.89 9.83 -0.66
N LEU A 32 0.92 10.11 0.19
CA LEU A 32 0.40 11.48 0.30
C LEU A 32 1.49 12.43 0.73
N LYS A 33 2.36 11.95 1.61
CA LYS A 33 3.41 12.77 2.17
C LYS A 33 4.47 13.11 1.14
N ASN A 34 4.65 12.20 0.20
CA ASN A 34 5.71 12.30 -0.80
C ASN A 34 5.16 12.46 -2.19
N ASN A 35 3.87 12.67 -2.32
CA ASN A 35 3.21 12.66 -3.61
C ASN A 35 3.65 11.51 -4.47
N TRP A 36 3.03 10.36 -4.29
CA TRP A 36 3.46 9.11 -4.91
C TRP A 36 2.30 8.43 -5.60
N GLU A 37 2.57 7.31 -6.25
CA GLU A 37 1.54 6.58 -6.98
C GLU A 37 1.16 5.31 -6.25
N CYS A 38 0.60 5.48 -5.07
CA CYS A 38 0.01 4.39 -4.30
C CYS A 38 -0.81 3.45 -5.15
N ARG A 39 -0.18 2.39 -5.61
CA ARG A 39 -0.79 1.43 -6.53
C ARG A 39 -1.22 0.15 -5.86
N TYR A 40 -2.52 0.06 -5.59
CA TYR A 40 -3.08 -1.06 -4.83
C TYR A 40 -3.64 -2.11 -5.76
N SER A 41 -3.53 -3.36 -5.35
CA SER A 41 -3.88 -4.50 -6.20
C SER A 41 -4.94 -5.35 -5.56
N PRO A 42 -6.14 -4.79 -5.45
CA PRO A 42 -7.38 -5.41 -4.79
C PRO A 42 -7.84 -6.70 -5.42
N LYS A 43 -8.46 -6.61 -6.58
CA LYS A 43 -9.11 -7.76 -7.21
C LYS A 43 -8.42 -8.13 -8.51
N MET A 1 -18.66 2.74 7.42
CA MET A 1 -17.84 1.84 8.22
C MET A 1 -18.23 0.41 7.98
N LYS A 2 -18.19 -0.01 6.73
CA LYS A 2 -18.59 -1.37 6.35
C LYS A 2 -17.80 -2.40 7.11
N LEU A 3 -18.17 -3.65 6.96
CA LEU A 3 -17.59 -4.73 7.76
C LEU A 3 -16.71 -5.62 6.92
N LEU A 4 -17.15 -5.93 5.72
CA LEU A 4 -16.48 -6.91 4.87
C LEU A 4 -15.56 -6.22 3.88
N SER A 5 -15.97 -6.08 2.65
CA SER A 5 -15.18 -5.55 1.53
C SER A 5 -13.69 -5.70 1.69
N SER A 6 -13.23 -6.86 2.10
CA SER A 6 -11.80 -7.18 2.10
C SER A 6 -11.01 -6.36 3.09
N ILE A 7 -9.77 -6.78 3.33
CA ILE A 7 -8.90 -6.15 4.34
C ILE A 7 -7.57 -6.87 4.34
N GLU A 8 -6.57 -6.44 3.58
CA GLU A 8 -5.26 -7.09 3.62
C GLU A 8 -4.22 -6.45 2.74
N GLN A 9 -4.63 -5.88 1.62
CA GLN A 9 -3.74 -5.37 0.59
C GLN A 9 -2.61 -4.51 1.14
N ALA A 10 -1.64 -4.23 0.26
CA ALA A 10 -0.55 -3.28 0.54
C ALA A 10 -0.08 -2.67 -0.76
N CYS A 11 0.19 -1.39 -0.82
CA CYS A 11 0.43 -0.69 -2.07
C CYS A 11 1.77 -1.03 -2.70
N ASP A 12 1.97 -0.51 -3.89
CA ASP A 12 3.24 -0.62 -4.61
C ASP A 12 4.38 -0.03 -3.79
N ILE A 13 4.26 1.24 -3.47
CA ILE A 13 5.35 2.00 -2.84
C ILE A 13 5.91 1.31 -1.62
N CYS A 14 5.07 0.60 -0.91
CA CYS A 14 5.47 -0.07 0.33
C CYS A 14 6.23 -1.34 0.03
N ARG A 15 5.85 -2.00 -1.05
CA ARG A 15 6.62 -3.12 -1.57
C ARG A 15 8.08 -2.78 -1.75
N LEU A 16 8.34 -1.81 -2.61
CA LEU A 16 9.68 -1.48 -3.09
C LEU A 16 10.54 -0.97 -1.95
N LYS A 17 9.99 0.00 -1.23
CA LYS A 17 10.74 0.68 -0.16
C LYS A 17 10.83 -0.18 1.09
N LYS A 18 9.92 -1.13 1.21
CA LYS A 18 9.74 -1.87 2.45
C LYS A 18 9.43 -0.89 3.57
N LEU A 19 8.21 -0.37 3.50
CA LEU A 19 7.74 0.70 4.36
C LEU A 19 6.54 0.26 5.16
N LYS A 20 5.98 1.18 5.93
CA LYS A 20 4.73 0.95 6.65
C LYS A 20 3.53 1.31 5.80
N CYS A 21 2.45 0.55 5.92
CA CYS A 21 1.25 0.78 5.13
C CYS A 21 -0.01 0.72 5.96
N SER A 22 -0.30 1.78 6.71
CA SER A 22 -1.57 1.94 7.40
C SER A 22 -2.77 1.47 6.58
N LYS A 23 -2.70 1.55 5.27
CA LYS A 23 -3.69 0.96 4.36
C LYS A 23 -4.84 1.89 4.13
N GLU A 24 -4.79 2.91 3.30
CA GLU A 24 -5.85 3.92 3.14
C GLU A 24 -6.00 4.30 1.69
N LYS A 25 -7.06 5.01 1.38
CA LYS A 25 -7.44 5.26 -0.01
C LYS A 25 -7.67 6.72 -0.28
N PRO A 26 -7.20 7.18 -1.42
CA PRO A 26 -6.39 6.39 -2.47
C PRO A 26 -5.00 5.95 -2.05
N LYS A 27 -4.21 6.84 -1.49
CA LYS A 27 -2.82 6.56 -1.11
C LYS A 27 -2.73 6.38 0.39
N CYS A 28 -1.83 5.52 0.85
CA CYS A 28 -1.55 5.44 2.27
C CYS A 28 -1.22 6.83 2.80
N ALA A 29 -0.94 6.90 4.09
CA ALA A 29 -0.39 8.10 4.70
C ALA A 29 0.86 8.52 3.94
N LYS A 30 1.69 7.52 3.65
CA LYS A 30 3.04 7.75 3.13
C LYS A 30 3.12 8.31 1.74
N CYS A 31 2.38 7.81 0.77
CA CYS A 31 2.42 8.34 -0.60
C CYS A 31 1.90 9.77 -0.58
N LEU A 32 0.89 9.99 0.23
CA LEU A 32 0.36 11.34 0.42
C LEU A 32 1.45 12.27 0.91
N LYS A 33 2.30 11.73 1.76
CA LYS A 33 3.32 12.55 2.44
C LYS A 33 4.41 12.95 1.47
N ASN A 34 4.62 12.14 0.46
CA ASN A 34 5.69 12.34 -0.51
C ASN A 34 5.17 12.56 -1.91
N ASN A 35 3.87 12.70 -2.07
CA ASN A 35 3.26 12.72 -3.41
C ASN A 35 3.77 11.59 -4.26
N TRP A 36 3.17 10.42 -4.10
CA TRP A 36 3.62 9.19 -4.76
C TRP A 36 2.48 8.54 -5.50
N GLU A 37 2.77 7.51 -6.27
CA GLU A 37 1.78 6.90 -7.16
C GLU A 37 1.24 5.62 -6.58
N CYS A 38 0.65 5.73 -5.40
CA CYS A 38 0.14 4.59 -4.67
C CYS A 38 -0.71 3.69 -5.55
N ARG A 39 -0.17 2.51 -5.81
CA ARG A 39 -0.91 1.41 -6.43
C ARG A 39 -1.46 0.49 -5.35
N TYR A 40 -2.42 -0.36 -5.67
CA TYR A 40 -3.01 -1.27 -4.69
C TYR A 40 -3.16 -2.67 -5.22
N SER A 41 -2.62 -3.62 -4.47
CA SER A 41 -2.54 -5.02 -4.89
C SER A 41 -3.87 -5.55 -5.36
N PRO A 42 -4.95 -5.20 -4.70
CA PRO A 42 -6.39 -5.67 -4.98
C PRO A 42 -6.90 -5.23 -6.33
N LYS A 43 -8.15 -4.85 -6.50
CA LYS A 43 -8.72 -4.63 -7.84
C LYS A 43 -10.20 -4.38 -7.76
N MET A 1 -1.02 -15.47 18.46
CA MET A 1 -1.97 -15.06 17.43
C MET A 1 -3.12 -14.28 18.02
N LYS A 2 -2.91 -13.00 18.22
CA LYS A 2 -3.98 -12.10 18.65
C LYS A 2 -3.80 -10.72 18.06
N LEU A 3 -4.33 -10.54 16.87
CA LEU A 3 -4.38 -9.22 16.24
C LEU A 3 -3.01 -8.79 15.75
N LEU A 4 -2.61 -9.31 14.60
CA LEU A 4 -1.30 -9.03 14.04
C LEU A 4 -1.22 -9.47 12.60
N SER A 5 -1.69 -10.67 12.32
CA SER A 5 -1.80 -11.16 10.95
C SER A 5 -0.45 -11.52 10.39
N SER A 6 -0.42 -12.38 9.40
CA SER A 6 0.82 -12.77 8.73
C SER A 6 0.73 -12.62 7.23
N ILE A 7 -0.10 -11.70 6.79
CA ILE A 7 -0.38 -11.51 5.35
C ILE A 7 -1.57 -10.61 5.16
N GLU A 8 -1.40 -9.37 4.74
CA GLU A 8 -2.50 -8.51 4.34
C GLU A 8 -2.11 -7.70 3.11
N GLN A 9 -2.69 -6.53 2.98
CA GLN A 9 -2.55 -5.72 1.78
C GLN A 9 -1.33 -4.84 1.85
N ALA A 10 -1.06 -4.13 0.78
CA ALA A 10 -0.03 -3.08 0.76
C ALA A 10 0.17 -2.56 -0.65
N CYS A 11 0.43 -1.27 -0.83
CA CYS A 11 0.51 -0.67 -2.15
C CYS A 11 1.83 -0.96 -2.81
N ASP A 12 2.01 -0.51 -4.03
CA ASP A 12 3.25 -0.68 -4.76
C ASP A 12 4.41 -0.04 -4.02
N ILE A 13 4.17 1.11 -3.43
CA ILE A 13 5.22 1.90 -2.79
C ILE A 13 5.81 1.23 -1.58
N CYS A 14 4.99 0.54 -0.82
CA CYS A 14 5.41 -0.05 0.45
C CYS A 14 6.16 -1.33 0.21
N ARG A 15 5.73 -2.07 -0.80
CA ARG A 15 6.49 -3.24 -1.27
C ARG A 15 7.93 -2.88 -1.56
N LEU A 16 8.13 -1.98 -2.50
CA LEU A 16 9.44 -1.66 -3.07
C LEU A 16 10.36 -1.12 -2.01
N LYS A 17 9.89 -0.08 -1.33
CA LYS A 17 10.71 0.66 -0.38
C LYS A 17 10.85 -0.06 0.94
N LYS A 18 9.95 -0.99 1.18
CA LYS A 18 9.85 -1.63 2.50
C LYS A 18 9.54 -0.58 3.55
N LEU A 19 8.30 -0.14 3.56
CA LEU A 19 7.81 0.86 4.49
C LEU A 19 6.50 0.41 5.11
N LYS A 20 5.93 1.25 5.95
CA LYS A 20 4.70 0.94 6.66
C LYS A 20 3.47 1.33 5.86
N CYS A 21 2.38 0.59 5.99
CA CYS A 21 1.22 0.78 5.12
C CYS A 21 -0.09 0.54 5.84
N SER A 22 -0.63 1.55 6.48
CA SER A 22 -1.98 1.49 7.06
C SER A 22 -3.13 1.40 6.08
N LYS A 23 -2.90 1.29 4.77
CA LYS A 23 -3.94 0.99 3.80
C LYS A 23 -4.92 2.11 3.48
N GLU A 24 -4.92 3.22 4.18
CA GLU A 24 -5.74 4.37 3.79
C GLU A 24 -5.69 4.58 2.28
N LYS A 25 -6.76 5.18 1.78
CA LYS A 25 -7.03 5.25 0.35
C LYS A 25 -7.42 6.65 -0.08
N PRO A 26 -7.13 6.98 -1.32
CA PRO A 26 -6.36 6.14 -2.34
C PRO A 26 -4.92 5.84 -1.99
N LYS A 27 -4.21 6.83 -1.48
CA LYS A 27 -2.83 6.63 -1.01
C LYS A 27 -2.79 6.57 0.50
N CYS A 28 -1.96 5.68 1.02
CA CYS A 28 -1.71 5.65 2.46
C CYS A 28 -1.24 6.99 2.96
N ALA A 29 -0.90 7.05 4.23
CA ALA A 29 -0.25 8.22 4.81
C ALA A 29 1.08 8.46 4.12
N LYS A 30 1.78 7.38 3.84
CA LYS A 30 3.03 7.37 3.09
C LYS A 30 3.03 8.20 1.82
N CYS A 31 2.32 7.69 0.82
CA CYS A 31 2.36 8.29 -0.51
C CYS A 31 1.86 9.72 -0.48
N LEU A 32 0.82 9.96 0.29
CA LEU A 32 0.28 11.32 0.40
C LEU A 32 1.37 12.27 0.85
N LYS A 33 2.18 11.79 1.77
CA LYS A 33 3.20 12.64 2.40
C LYS A 33 4.32 12.95 1.42
N ASN A 34 4.53 12.04 0.48
CA ASN A 34 5.60 12.15 -0.50
C ASN A 34 5.10 12.10 -1.93
N ASN A 35 3.89 12.55 -2.19
CA ASN A 35 3.37 12.73 -3.54
C ASN A 35 3.71 11.58 -4.48
N TRP A 36 3.22 10.40 -4.10
CA TRP A 36 3.60 9.13 -4.73
C TRP A 36 2.40 8.51 -5.41
N GLU A 37 2.64 7.44 -6.15
CA GLU A 37 1.58 6.83 -6.97
C GLU A 37 1.11 5.54 -6.33
N CYS A 38 0.57 5.64 -5.14
CA CYS A 38 -0.05 4.51 -4.44
C CYS A 38 -0.91 3.68 -5.37
N ARG A 39 -0.33 2.60 -5.86
CA ARG A 39 -1.07 1.59 -6.63
C ARG A 39 -0.98 0.22 -6.03
N TYR A 40 -1.96 -0.12 -5.21
CA TYR A 40 -2.08 -1.48 -4.69
C TYR A 40 -3.09 -2.27 -5.51
N SER A 41 -2.62 -3.34 -6.12
CA SER A 41 -3.36 -4.07 -7.14
C SER A 41 -4.23 -5.15 -6.54
N PRO A 42 -5.53 -4.95 -6.55
CA PRO A 42 -6.60 -5.93 -6.07
C PRO A 42 -6.64 -7.24 -6.84
N LYS A 43 -7.27 -7.23 -8.00
CA LYS A 43 -7.52 -8.46 -8.77
C LYS A 43 -6.47 -8.66 -9.83
N MET A 1 -10.44 -6.77 12.62
CA MET A 1 -10.87 -8.09 12.20
C MET A 1 -9.85 -8.76 11.29
N LYS A 2 -8.98 -7.98 10.69
CA LYS A 2 -7.81 -8.42 9.94
C LYS A 2 -7.62 -9.92 9.87
N LEU A 3 -7.25 -10.52 10.98
CA LEU A 3 -6.85 -11.93 11.05
C LEU A 3 -7.69 -12.80 10.13
N LEU A 4 -9.00 -12.76 10.29
CA LEU A 4 -9.91 -13.51 9.43
C LEU A 4 -10.00 -12.88 8.06
N SER A 5 -10.14 -11.57 8.02
CA SER A 5 -10.13 -10.81 6.77
C SER A 5 -8.74 -10.80 6.17
N SER A 6 -8.45 -9.81 5.36
CA SER A 6 -7.16 -9.72 4.67
C SER A 6 -6.02 -9.52 5.64
N ILE A 7 -4.83 -9.29 5.12
CA ILE A 7 -3.68 -8.93 6.00
C ILE A 7 -2.40 -8.57 5.29
N GLU A 8 -2.27 -9.03 4.05
CA GLU A 8 -1.15 -8.63 3.21
C GLU A 8 -1.59 -7.73 2.07
N GLN A 9 -2.44 -6.79 2.41
CA GLN A 9 -2.78 -5.69 1.51
C GLN A 9 -1.83 -4.53 1.70
N ALA A 10 -1.37 -3.95 0.62
CA ALA A 10 -0.37 -2.87 0.67
C ALA A 10 0.02 -2.45 -0.72
N CYS A 11 0.30 -1.17 -0.93
CA CYS A 11 0.51 -0.62 -2.26
C CYS A 11 1.87 -0.98 -2.80
N ASP A 12 2.13 -0.62 -4.05
CA ASP A 12 3.42 -0.86 -4.67
C ASP A 12 4.52 -0.15 -3.91
N ILE A 13 4.25 1.09 -3.52
CA ILE A 13 5.27 1.95 -2.92
C ILE A 13 5.85 1.40 -1.64
N CYS A 14 5.04 0.71 -0.86
CA CYS A 14 5.48 0.15 0.42
C CYS A 14 6.28 -1.11 0.20
N ARG A 15 5.96 -1.83 -0.87
CA ARG A 15 6.78 -2.95 -1.32
C ARG A 15 8.23 -2.54 -1.49
N LEU A 16 8.49 -1.58 -2.36
CA LEU A 16 9.82 -1.20 -2.80
C LEU A 16 10.61 -0.58 -1.67
N LYS A 17 10.01 0.41 -1.04
CA LYS A 17 10.65 1.15 0.05
C LYS A 17 10.79 0.32 1.31
N LYS A 18 10.04 -0.76 1.39
CA LYS A 18 10.07 -1.66 2.54
C LYS A 18 9.53 -1.02 3.81
N LEU A 19 8.39 -0.37 3.66
CA LEU A 19 7.60 0.13 4.77
C LEU A 19 6.46 -0.83 5.07
N LYS A 20 5.60 -0.42 5.99
CA LYS A 20 4.35 -1.11 6.26
C LYS A 20 3.26 -0.58 5.35
N CYS A 21 2.02 -0.64 5.78
CA CYS A 21 0.92 0.03 5.06
C CYS A 21 -0.39 -0.04 5.79
N SER A 22 -0.66 0.93 6.63
CA SER A 22 -1.98 1.14 7.22
C SER A 22 -3.12 1.00 6.22
N LYS A 23 -2.91 1.40 4.98
CA LYS A 23 -3.82 1.15 3.87
C LYS A 23 -4.88 2.22 3.70
N GLU A 24 -4.76 3.36 4.37
CA GLU A 24 -5.61 4.51 4.06
C GLU A 24 -5.63 4.73 2.55
N LYS A 25 -6.73 5.28 2.09
CA LYS A 25 -7.06 5.29 0.67
C LYS A 25 -7.52 6.65 0.19
N PRO A 26 -7.27 6.94 -1.07
CA PRO A 26 -6.52 6.07 -2.08
C PRO A 26 -5.04 5.86 -1.78
N LYS A 27 -4.34 6.89 -1.39
CA LYS A 27 -2.93 6.80 -0.99
C LYS A 27 -2.82 6.76 0.52
N CYS A 28 -1.98 5.91 1.04
CA CYS A 28 -1.69 5.92 2.47
C CYS A 28 -1.26 7.32 2.89
N ALA A 29 -0.96 7.47 4.16
CA ALA A 29 -0.34 8.68 4.67
C ALA A 29 0.89 9.03 3.85
N LYS A 30 1.69 8.00 3.61
CA LYS A 30 3.03 8.17 3.04
C LYS A 30 3.08 8.63 1.60
N CYS A 31 2.41 7.99 0.67
CA CYS A 31 2.40 8.44 -0.73
C CYS A 31 1.92 9.88 -0.78
N LEU A 32 0.91 10.16 0.01
CA LEU A 32 0.33 11.52 0.03
C LEU A 32 1.38 12.52 0.46
N LYS A 33 2.24 12.09 1.37
CA LYS A 33 3.23 12.98 1.98
C LYS A 33 4.36 13.30 1.01
N ASN A 34 4.62 12.36 0.12
CA ASN A 34 5.72 12.44 -0.83
C ASN A 34 5.24 12.61 -2.25
N ASN A 35 3.94 12.74 -2.43
CA ASN A 35 3.34 12.75 -3.77
C ASN A 35 3.83 11.56 -4.57
N TRP A 36 3.16 10.44 -4.38
CA TRP A 36 3.57 9.16 -4.98
C TRP A 36 2.40 8.51 -5.68
N GLU A 37 2.64 7.37 -6.31
CA GLU A 37 1.61 6.65 -7.02
C GLU A 37 1.20 5.39 -6.28
N CYS A 38 0.63 5.57 -5.11
CA CYS A 38 0.03 4.49 -4.35
C CYS A 38 -0.82 3.60 -5.23
N ARG A 39 -0.24 2.49 -5.68
CA ARG A 39 -0.97 1.51 -6.47
C ARG A 39 -1.01 0.14 -5.83
N TYR A 40 -1.98 -0.05 -4.96
CA TYR A 40 -2.32 -1.38 -4.44
C TYR A 40 -3.56 -1.89 -5.15
N SER A 41 -3.48 -1.93 -6.47
CA SER A 41 -4.63 -2.19 -7.34
C SER A 41 -5.43 -3.39 -6.87
N PRO A 42 -6.72 -3.19 -6.64
CA PRO A 42 -7.72 -4.28 -6.22
C PRO A 42 -8.04 -5.29 -7.31
N LYS A 43 -7.99 -4.87 -8.55
CA LYS A 43 -8.42 -5.70 -9.67
C LYS A 43 -9.91 -5.94 -9.62
N MET A 1 -17.00 -12.91 -6.34
CA MET A 1 -18.25 -12.20 -6.56
C MET A 1 -19.10 -12.19 -5.31
N LYS A 2 -19.82 -13.27 -5.08
CA LYS A 2 -20.54 -13.47 -3.82
C LYS A 2 -19.60 -13.85 -2.71
N LEU A 3 -18.54 -14.57 -3.04
CA LEU A 3 -17.57 -15.04 -2.05
C LEU A 3 -16.49 -14.02 -1.83
N LEU A 4 -15.50 -14.37 -1.03
CA LEU A 4 -14.40 -13.49 -0.70
C LEU A 4 -13.07 -14.12 -1.03
N SER A 5 -12.46 -13.68 -2.12
CA SER A 5 -11.20 -14.24 -2.57
C SER A 5 -10.26 -13.15 -3.04
N SER A 6 -8.98 -13.30 -2.71
CA SER A 6 -7.95 -12.38 -3.18
C SER A 6 -8.17 -10.99 -2.61
N ILE A 7 -7.49 -10.70 -1.52
CA ILE A 7 -7.70 -9.45 -0.79
C ILE A 7 -6.41 -8.94 -0.21
N GLU A 8 -5.30 -9.34 -0.82
CA GLU A 8 -3.96 -9.07 -0.28
C GLU A 8 -3.49 -7.69 -0.69
N GLN A 9 -3.88 -6.69 0.09
CA GLN A 9 -3.66 -5.30 -0.26
C GLN A 9 -2.19 -4.91 -0.21
N ALA A 10 -1.95 -3.63 -0.04
CA ALA A 10 -0.62 -3.04 0.19
C ALA A 10 -0.09 -2.47 -1.11
N CYS A 11 0.26 -1.21 -1.20
CA CYS A 11 0.56 -0.57 -2.49
C CYS A 11 1.95 -0.94 -2.97
N ASP A 12 2.28 -0.49 -4.18
CA ASP A 12 3.58 -0.72 -4.79
C ASP A 12 4.70 -0.09 -3.99
N ILE A 13 4.40 1.02 -3.33
CA ILE A 13 5.42 1.82 -2.66
C ILE A 13 5.90 1.21 -1.37
N CYS A 14 5.04 0.49 -0.68
CA CYS A 14 5.38 -0.12 0.60
C CYS A 14 6.17 -1.39 0.39
N ARG A 15 5.79 -2.17 -0.61
CA ARG A 15 6.61 -3.31 -1.02
C ARG A 15 8.03 -2.89 -1.32
N LEU A 16 8.21 -1.99 -2.26
CA LEU A 16 9.51 -1.63 -2.84
C LEU A 16 10.40 -1.03 -1.76
N LYS A 17 9.87 -0.04 -1.08
CA LYS A 17 10.64 0.75 -0.12
C LYS A 17 10.82 0.04 1.20
N LYS A 18 9.95 -0.93 1.46
CA LYS A 18 9.87 -1.55 2.77
C LYS A 18 9.51 -0.50 3.82
N LEU A 19 8.23 -0.13 3.80
CA LEU A 19 7.67 0.82 4.74
C LEU A 19 6.39 0.26 5.35
N LYS A 20 5.74 1.06 6.18
CA LYS A 20 4.49 0.67 6.81
C LYS A 20 3.30 1.03 5.96
N CYS A 21 2.29 0.17 5.92
CA CYS A 21 1.16 0.36 5.01
C CYS A 21 -0.17 0.14 5.69
N SER A 22 -0.52 0.99 6.63
CA SER A 22 -1.85 1.09 7.22
C SER A 22 -2.96 1.06 6.17
N LYS A 23 -2.66 1.19 4.90
CA LYS A 23 -3.58 0.88 3.81
C LYS A 23 -4.56 1.98 3.44
N GLU A 24 -4.61 3.08 4.17
CA GLU A 24 -5.48 4.21 3.84
C GLU A 24 -5.49 4.54 2.36
N LYS A 25 -6.56 5.23 1.95
CA LYS A 25 -6.83 5.47 0.54
C LYS A 25 -7.24 6.90 0.29
N PRO A 26 -7.05 7.38 -0.92
CA PRO A 26 -6.40 6.66 -2.11
C PRO A 26 -4.94 6.27 -1.91
N LYS A 27 -4.16 7.14 -1.30
CA LYS A 27 -2.78 6.83 -0.93
C LYS A 27 -2.66 6.66 0.56
N CYS A 28 -1.85 5.72 1.02
CA CYS A 28 -1.53 5.63 2.44
C CYS A 28 -1.02 6.96 2.95
N ALA A 29 -0.60 6.95 4.21
CA ALA A 29 0.12 8.09 4.78
C ALA A 29 1.37 8.36 3.98
N LYS A 30 2.06 7.30 3.62
CA LYS A 30 3.25 7.32 2.77
C LYS A 30 3.13 8.20 1.54
N CYS A 31 2.38 7.69 0.57
CA CYS A 31 2.33 8.31 -0.76
C CYS A 31 1.80 9.71 -0.70
N LEU A 32 0.80 9.92 0.14
CA LEU A 32 0.20 11.26 0.29
C LEU A 32 1.26 12.24 0.76
N LYS A 33 2.13 11.77 1.62
CA LYS A 33 3.14 12.63 2.23
C LYS A 33 4.21 13.03 1.23
N ASN A 34 4.42 12.19 0.25
CA ASN A 34 5.48 12.38 -0.74
C ASN A 34 4.95 12.59 -2.14
N ASN A 35 3.64 12.69 -2.29
CA ASN A 35 3.03 12.71 -3.62
C ASN A 35 3.54 11.56 -4.46
N TRP A 36 2.96 10.39 -4.27
CA TRP A 36 3.38 9.17 -4.95
C TRP A 36 2.19 8.52 -5.63
N GLU A 37 2.46 7.49 -6.40
CA GLU A 37 1.41 6.81 -7.17
C GLU A 37 1.04 5.50 -6.50
N CYS A 38 0.56 5.59 -5.28
CA CYS A 38 0.00 4.47 -4.53
C CYS A 38 -0.79 3.53 -5.41
N ARG A 39 -0.13 2.47 -5.86
CA ARG A 39 -0.77 1.47 -6.71
C ARG A 39 -1.20 0.24 -5.94
N TYR A 40 -2.51 0.13 -5.73
CA TYR A 40 -3.12 -0.87 -4.87
C TYR A 40 -3.78 -1.99 -5.64
N SER A 41 -4.03 -1.80 -6.92
CA SER A 41 -4.84 -2.70 -7.74
C SER A 41 -6.32 -2.36 -7.59
N PRO A 42 -7.13 -2.83 -8.51
CA PRO A 42 -8.62 -2.56 -8.62
C PRO A 42 -9.43 -2.88 -7.38
N LYS A 43 -10.07 -4.04 -7.34
CA LYS A 43 -11.03 -4.36 -6.28
C LYS A 43 -11.28 -5.84 -6.23
N MET A 1 1.81 -28.95 6.69
CA MET A 1 1.46 -27.96 5.68
C MET A 1 1.50 -26.57 6.26
N LYS A 2 2.34 -25.71 5.69
CA LYS A 2 2.43 -24.32 6.12
C LYS A 2 1.85 -23.39 5.09
N LEU A 3 2.05 -23.72 3.83
CA LEU A 3 1.53 -22.91 2.72
C LEU A 3 0.04 -23.06 2.59
N LEU A 4 -0.68 -22.04 3.00
CA LEU A 4 -2.14 -22.00 2.81
C LEU A 4 -2.65 -20.58 2.83
N SER A 5 -3.45 -20.24 1.84
CA SER A 5 -3.90 -18.86 1.65
C SER A 5 -2.74 -17.96 1.27
N SER A 6 -3.03 -16.93 0.50
CA SER A 6 -1.98 -16.08 -0.06
C SER A 6 -2.58 -14.82 -0.65
N ILE A 7 -2.55 -13.75 0.11
CA ILE A 7 -3.10 -12.47 -0.31
C ILE A 7 -3.09 -11.45 0.81
N GLU A 8 -1.96 -10.78 1.01
CA GLU A 8 -1.91 -9.67 1.95
C GLU A 8 -1.77 -8.35 1.21
N GLN A 9 -2.90 -7.70 1.01
CA GLN A 9 -2.97 -6.43 0.30
C GLN A 9 -1.94 -5.45 0.81
N ALA A 10 -1.45 -4.62 -0.09
CA ALA A 10 -0.58 -3.49 0.27
C ALA A 10 -0.11 -2.77 -0.97
N CYS A 11 0.03 -1.47 -0.94
CA CYS A 11 0.29 -0.69 -2.16
C CYS A 11 1.68 -0.95 -2.68
N ASP A 12 1.99 -0.36 -3.83
CA ASP A 12 3.25 -0.57 -4.53
C ASP A 12 4.43 0.06 -3.82
N ILE A 13 4.21 1.20 -3.20
CA ILE A 13 5.29 1.99 -2.62
C ILE A 13 5.84 1.36 -1.36
N CYS A 14 5.00 0.62 -0.66
CA CYS A 14 5.40 -0.08 0.55
C CYS A 14 6.16 -1.34 0.21
N ARG A 15 5.77 -1.99 -0.87
CA ARG A 15 6.54 -3.13 -1.38
C ARG A 15 7.99 -2.76 -1.60
N LEU A 16 8.25 -1.81 -2.47
CA LEU A 16 9.58 -1.48 -2.97
C LEU A 16 10.41 -0.84 -1.88
N LYS A 17 9.76 0.05 -1.15
CA LYS A 17 10.43 0.85 -0.12
C LYS A 17 10.70 0.05 1.14
N LYS A 18 9.94 -1.01 1.31
CA LYS A 18 9.95 -1.78 2.56
C LYS A 18 9.55 -0.88 3.71
N LEU A 19 8.26 -0.57 3.73
CA LEU A 19 7.65 0.38 4.65
C LEU A 19 6.48 -0.26 5.36
N LYS A 20 5.91 0.47 6.30
CA LYS A 20 4.64 0.10 6.93
C LYS A 20 3.48 0.66 6.15
N CYS A 21 2.38 -0.07 6.07
CA CYS A 21 1.26 0.32 5.22
C CYS A 21 -0.06 0.35 5.96
N SER A 22 -0.29 1.38 6.75
CA SER A 22 -1.59 1.69 7.31
C SER A 22 -2.73 1.57 6.32
N LYS A 23 -2.45 1.48 5.04
CA LYS A 23 -3.42 1.15 3.99
C LYS A 23 -4.08 2.36 3.38
N GLU A 24 -4.55 3.29 4.19
CA GLU A 24 -5.47 4.38 3.85
C GLU A 24 -5.55 4.73 2.38
N LYS A 25 -6.78 5.07 1.97
CA LYS A 25 -7.17 5.17 0.57
C LYS A 25 -7.58 6.56 0.17
N PRO A 26 -7.34 6.90 -1.08
CA PRO A 26 -6.61 6.05 -2.14
C PRO A 26 -5.15 5.77 -1.88
N LYS A 27 -4.41 6.74 -1.41
CA LYS A 27 -3.00 6.59 -1.06
C LYS A 27 -2.84 6.60 0.44
N CYS A 28 -1.97 5.73 0.95
CA CYS A 28 -1.67 5.71 2.37
C CYS A 28 -1.22 7.08 2.84
N ALA A 29 -0.94 7.18 4.13
CA ALA A 29 -0.31 8.36 4.70
C ALA A 29 0.99 8.64 3.96
N LYS A 30 1.71 7.56 3.70
CA LYS A 30 2.98 7.59 2.97
C LYS A 30 2.96 8.35 1.65
N CYS A 31 2.27 7.78 0.66
CA CYS A 31 2.30 8.34 -0.70
C CYS A 31 1.81 9.77 -0.69
N LEU A 32 0.78 10.04 0.09
CA LEU A 32 0.22 11.39 0.18
C LEU A 32 1.29 12.37 0.66
N LYS A 33 2.12 11.90 1.58
CA LYS A 33 3.11 12.76 2.21
C LYS A 33 4.23 13.09 1.24
N ASN A 34 4.48 12.20 0.31
CA ASN A 34 5.60 12.33 -0.62
C ASN A 34 5.13 12.56 -2.04
N ASN A 35 3.84 12.69 -2.27
CA ASN A 35 3.30 12.75 -3.63
C ASN A 35 3.79 11.57 -4.44
N TRP A 36 3.13 10.44 -4.27
CA TRP A 36 3.54 9.19 -4.90
C TRP A 36 2.38 8.55 -5.62
N GLU A 37 2.67 7.46 -6.33
CA GLU A 37 1.62 6.71 -7.02
C GLU A 37 1.27 5.44 -6.27
N CYS A 38 0.51 5.60 -5.20
CA CYS A 38 -0.04 4.47 -4.46
C CYS A 38 -0.79 3.55 -5.39
N ARG A 39 -0.11 2.52 -5.85
CA ARG A 39 -0.70 1.50 -6.72
C ARG A 39 -1.15 0.28 -5.95
N TYR A 40 -2.46 0.19 -5.77
CA TYR A 40 -3.10 -0.99 -5.19
C TYR A 40 -3.61 -1.92 -6.26
N SER A 41 -3.90 -1.38 -7.42
CA SER A 41 -4.57 -2.11 -8.50
C SER A 41 -4.48 -1.34 -9.80
N PRO A 42 -5.21 -1.80 -10.81
CA PRO A 42 -5.32 -1.17 -12.20
C PRO A 42 -5.56 0.33 -12.19
N LYS A 43 -6.47 0.77 -11.35
CA LYS A 43 -6.67 2.21 -11.12
C LYS A 43 -6.86 2.50 -9.65
#